data_4C26
#
_entry.id   4C26
#
_cell.length_a   1.000
_cell.length_b   1.000
_cell.length_c   1.000
_cell.angle_alpha   90.00
_cell.angle_beta   90.00
_cell.angle_gamma   90.00
#
_symmetry.space_group_name_H-M   'P 1'
#
_entity_poly.entity_id   1
_entity_poly.type   'polypeptide(L)'
_entity_poly.pdbx_seq_one_letter_code
;DRTGSELMNSSKLIRMLEEDGWRLVRVTGSAHHFKHPKKPGLVTVPHPKKDLPIGTVKSIQKSAGL
;
_entity_poly.pdbx_strand_id   A
#
# COMPACT_ATOMS: atom_id res chain seq x y z
N ASP A 1 13.19 -3.27 9.01
CA ASP A 1 14.27 -4.27 9.13
C ASP A 1 14.14 -5.05 10.42
N ARG A 2 12.91 -5.39 10.77
CA ARG A 2 12.63 -6.15 11.98
C ARG A 2 12.08 -7.51 11.60
N THR A 3 11.57 -8.25 12.57
CA THR A 3 11.00 -9.56 12.31
C THR A 3 9.61 -9.66 12.92
N GLY A 4 8.96 -8.51 13.07
CA GLY A 4 7.64 -8.46 13.64
C GLY A 4 6.89 -7.22 13.23
N SER A 5 5.68 -7.40 12.70
CA SER A 5 4.83 -6.31 12.27
C SER A 5 5.44 -5.52 11.11
N GLU A 6 6.26 -6.21 10.31
CA GLU A 6 6.89 -5.58 9.15
C GLU A 6 5.91 -5.43 8.00
N LEU A 7 5.10 -4.39 8.06
CA LEU A 7 4.15 -4.10 7.00
C LEU A 7 4.74 -3.08 6.03
N MET A 8 5.98 -2.68 6.31
CA MET A 8 6.66 -1.69 5.49
C MET A 8 6.92 -2.22 4.09
N ASN A 9 6.54 -1.45 3.08
CA ASN A 9 6.70 -1.86 1.70
C ASN A 9 7.07 -0.67 0.83
N SER A 10 7.81 -0.94 -0.23
CA SER A 10 8.18 0.08 -1.20
C SER A 10 8.31 -0.58 -2.57
N SER A 11 7.30 -0.39 -3.40
CA SER A 11 7.24 -1.07 -4.68
C SER A 11 6.32 -0.33 -5.64
N LYS A 12 6.50 -0.58 -6.92
CA LYS A 12 5.71 0.02 -7.98
C LYS A 12 4.25 -0.46 -7.90
N LEU A 13 4.07 -1.60 -7.27
CA LEU A 13 2.74 -2.19 -7.13
C LEU A 13 1.87 -1.38 -6.18
N ILE A 14 2.50 -0.54 -5.36
CA ILE A 14 1.76 0.37 -4.48
C ILE A 14 1.02 1.40 -5.31
N ARG A 15 1.60 1.75 -6.45
CA ARG A 15 0.97 2.70 -7.37
C ARG A 15 -0.30 2.10 -7.95
N MET A 16 -0.28 0.78 -8.17
CA MET A 16 -1.44 0.06 -8.69
C MET A 16 -2.59 0.13 -7.67
N LEU A 17 -2.22 0.11 -6.39
CA LEU A 17 -3.20 0.21 -5.31
C LEU A 17 -3.94 1.55 -5.40
N GLU A 18 -3.23 2.57 -5.85
CA GLU A 18 -3.80 3.91 -6.01
C GLU A 18 -4.72 3.95 -7.25
N GLU A 19 -4.25 3.31 -8.32
CA GLU A 19 -4.97 3.33 -9.60
C GLU A 19 -6.22 2.46 -9.56
N ASP A 20 -6.25 1.51 -8.64
CA ASP A 20 -7.40 0.61 -8.51
C ASP A 20 -8.60 1.36 -7.93
N GLY A 21 -8.33 2.49 -7.29
CA GLY A 21 -9.40 3.30 -6.75
C GLY A 21 -9.37 3.35 -5.24
N TRP A 22 -8.30 2.85 -4.64
CA TRP A 22 -8.13 2.92 -3.20
C TRP A 22 -7.79 4.34 -2.80
N ARG A 23 -8.46 4.84 -1.77
CA ARG A 23 -8.28 6.21 -1.36
C ARG A 23 -7.72 6.29 0.05
N LEU A 24 -6.80 7.23 0.25
CA LEU A 24 -6.19 7.47 1.54
C LEU A 24 -7.19 8.13 2.48
N VAL A 25 -7.80 7.34 3.36
CA VAL A 25 -8.84 7.85 4.25
C VAL A 25 -8.25 8.25 5.60
N ARG A 26 -7.04 7.79 5.87
CA ARG A 26 -6.35 8.14 7.09
C ARG A 26 -4.87 8.34 6.83
N VAL A 27 -4.42 9.57 7.01
CA VAL A 27 -3.04 9.94 6.70
C VAL A 27 -2.15 9.69 7.90
N THR A 28 -1.00 9.09 7.65
CA THR A 28 -0.03 8.81 8.69
C THR A 28 1.38 9.00 8.11
N GLY A 29 2.34 9.30 8.99
CA GLY A 29 3.70 9.60 8.57
C GLY A 29 4.24 8.64 7.52
N SER A 30 4.23 7.36 7.83
CA SER A 30 4.72 6.36 6.89
C SER A 30 3.59 5.47 6.37
N ALA A 31 2.61 5.19 7.21
CA ALA A 31 1.57 4.23 6.88
C ALA A 31 0.39 4.88 6.18
N HIS A 32 0.18 4.49 4.94
CA HIS A 32 -0.94 4.98 4.16
C HIS A 32 -2.13 4.03 4.33
N HIS A 33 -3.20 4.53 4.93
CA HIS A 33 -4.38 3.72 5.16
C HIS A 33 -5.38 3.91 4.04
N PHE A 34 -5.49 2.90 3.18
CA PHE A 34 -6.34 2.97 2.00
C PHE A 34 -7.65 2.23 2.20
N LYS A 35 -8.70 2.81 1.66
CA LYS A 35 -10.00 2.17 1.66
C LYS A 35 -10.60 2.22 0.26
N HIS A 36 -11.19 1.12 -0.16
CA HIS A 36 -11.82 1.07 -1.47
C HIS A 36 -13.34 1.10 -1.32
N PRO A 37 -13.98 2.13 -1.89
CA PRO A 37 -15.45 2.33 -1.78
C PRO A 37 -16.25 1.30 -2.56
N LYS A 38 -16.21 0.06 -2.09
CA LYS A 38 -16.91 -1.05 -2.73
C LYS A 38 -16.70 -2.31 -1.92
N LYS A 39 -15.47 -2.51 -1.48
CA LYS A 39 -15.12 -3.67 -0.67
C LYS A 39 -14.75 -3.24 0.76
N PRO A 40 -15.19 -4.01 1.77
CA PRO A 40 -14.85 -3.74 3.17
C PRO A 40 -13.42 -4.16 3.50
N GLY A 41 -12.46 -3.56 2.82
CA GLY A 41 -11.07 -3.88 3.07
C GLY A 41 -10.24 -2.65 3.30
N LEU A 42 -9.32 -2.73 4.25
CA LEU A 42 -8.43 -1.62 4.55
C LEU A 42 -6.98 -2.04 4.32
N VAL A 43 -6.32 -1.37 3.40
CA VAL A 43 -4.93 -1.66 3.10
C VAL A 43 -4.02 -0.57 3.67
N THR A 44 -3.06 -0.98 4.48
CA THR A 44 -2.15 -0.04 5.10
C THR A 44 -0.72 -0.26 4.59
N VAL A 45 -0.28 0.61 3.68
CA VAL A 45 1.08 0.54 3.18
C VAL A 45 1.98 1.62 3.80
N PRO A 46 2.82 1.24 4.77
CA PRO A 46 3.91 2.08 5.24
C PRO A 46 5.03 2.14 4.23
N HIS A 47 5.21 3.32 3.64
CA HIS A 47 6.15 3.47 2.54
C HIS A 47 7.36 4.31 2.95
N PRO A 48 8.49 3.65 3.20
CA PRO A 48 9.77 4.31 3.41
C PRO A 48 10.57 4.38 2.11
N LYS A 49 11.71 5.05 2.14
CA LYS A 49 12.59 5.08 0.98
C LYS A 49 13.62 3.96 1.09
N LYS A 50 13.36 2.87 0.39
CA LYS A 50 14.19 1.68 0.47
C LYS A 50 13.75 0.67 -0.58
N ASP A 51 14.69 -0.07 -1.15
CA ASP A 51 14.34 -1.12 -2.09
C ASP A 51 13.79 -2.32 -1.33
N LEU A 52 12.47 -2.43 -1.30
CA LEU A 52 11.82 -3.49 -0.56
C LEU A 52 11.17 -4.48 -1.50
N PRO A 53 11.42 -5.79 -1.28
CA PRO A 53 10.81 -6.86 -2.06
C PRO A 53 9.28 -6.88 -1.94
N ILE A 54 8.63 -7.52 -2.90
CA ILE A 54 7.17 -7.52 -2.97
C ILE A 54 6.56 -8.62 -2.10
N GLY A 55 7.40 -9.26 -1.28
CA GLY A 55 6.95 -10.35 -0.43
C GLY A 55 5.74 -9.99 0.42
N THR A 56 5.74 -8.82 1.02
CA THR A 56 4.59 -8.37 1.78
C THR A 56 3.53 -7.78 0.86
N VAL A 57 3.99 -7.21 -0.26
CA VAL A 57 3.10 -6.59 -1.24
C VAL A 57 2.15 -7.59 -1.88
N LYS A 58 2.64 -8.78 -2.22
CA LYS A 58 1.78 -9.79 -2.83
C LYS A 58 0.75 -10.30 -1.82
N SER A 59 1.04 -10.08 -0.54
CA SER A 59 0.06 -10.35 0.50
C SER A 59 -0.97 -9.23 0.55
N ILE A 60 -0.49 -7.99 0.34
CA ILE A 60 -1.37 -6.83 0.24
C ILE A 60 -2.31 -7.00 -0.94
N GLN A 61 -1.76 -7.47 -2.07
CA GLN A 61 -2.53 -7.65 -3.29
C GLN A 61 -3.67 -8.64 -3.10
N LYS A 62 -3.57 -9.51 -2.10
CA LYS A 62 -4.65 -10.42 -1.77
C LYS A 62 -5.85 -9.64 -1.23
N SER A 63 -5.57 -8.62 -0.44
CA SER A 63 -6.61 -7.80 0.15
C SER A 63 -6.99 -6.66 -0.80
N ALA A 64 -6.01 -6.15 -1.53
CA ALA A 64 -6.21 -5.00 -2.41
C ALA A 64 -6.82 -5.40 -3.75
N GLY A 65 -6.51 -6.61 -4.20
CA GLY A 65 -6.96 -7.06 -5.50
C GLY A 65 -8.22 -7.90 -5.45
N LEU A 66 -8.41 -8.60 -4.35
CA LEU A 66 -9.56 -9.49 -4.21
C LEU A 66 -10.62 -8.86 -3.32
N ASP A 1 24.39 2.47 0.16
CA ASP A 1 24.10 1.03 0.36
C ASP A 1 23.63 0.76 1.77
N ARG A 2 24.33 1.29 2.76
CA ARG A 2 24.00 1.03 4.17
C ARG A 2 22.69 1.70 4.56
N THR A 3 22.61 3.01 4.37
CA THR A 3 21.39 3.74 4.64
C THR A 3 20.29 3.34 3.66
N GLY A 4 20.64 3.32 2.38
CA GLY A 4 19.73 2.88 1.36
C GLY A 4 20.42 2.01 0.35
N SER A 5 19.97 0.78 0.21
CA SER A 5 20.57 -0.16 -0.74
C SER A 5 20.10 0.15 -2.15
N GLU A 6 18.88 0.64 -2.26
CA GLU A 6 18.33 1.01 -3.55
C GLU A 6 17.57 2.33 -3.42
N LEU A 7 17.71 3.19 -4.41
CA LEU A 7 17.09 4.50 -4.39
C LEU A 7 15.71 4.45 -5.02
N MET A 8 15.39 3.30 -5.60
CA MET A 8 14.09 3.07 -6.21
C MET A 8 13.05 2.80 -5.12
N ASN A 9 12.35 3.84 -4.69
CA ASN A 9 11.28 3.67 -3.72
C ASN A 9 10.15 2.89 -4.35
N SER A 10 9.64 1.91 -3.62
CA SER A 10 8.63 1.01 -4.15
C SER A 10 7.24 1.66 -4.17
N SER A 11 7.11 2.72 -4.97
CA SER A 11 5.84 3.40 -5.14
C SER A 11 4.98 2.65 -6.15
N LYS A 12 5.61 1.71 -6.87
CA LYS A 12 4.92 0.80 -7.80
C LYS A 12 3.67 0.20 -7.17
N LEU A 13 3.81 -0.24 -5.92
CA LEU A 13 2.73 -0.88 -5.21
C LEU A 13 1.60 0.11 -4.93
N ILE A 14 1.97 1.33 -4.58
CA ILE A 14 0.99 2.39 -4.36
C ILE A 14 0.34 2.78 -5.67
N ARG A 15 1.14 2.79 -6.73
CA ARG A 15 0.68 3.13 -8.07
C ARG A 15 -0.42 2.18 -8.53
N MET A 16 -0.14 0.88 -8.50
CA MET A 16 -1.10 -0.12 -8.95
C MET A 16 -2.32 -0.17 -8.03
N LEU A 17 -2.11 0.25 -6.79
CA LEU A 17 -3.17 0.32 -5.80
C LEU A 17 -4.06 1.54 -6.07
N GLU A 18 -3.43 2.65 -6.39
CA GLU A 18 -4.13 3.88 -6.72
C GLU A 18 -4.90 3.74 -8.03
N GLU A 19 -4.31 3.03 -8.99
CA GLU A 19 -4.91 2.85 -10.31
C GLU A 19 -6.11 1.91 -10.26
N ASP A 20 -6.23 1.13 -9.19
CA ASP A 20 -7.34 0.19 -9.04
C ASP A 20 -8.60 0.92 -8.55
N GLY A 21 -8.41 2.15 -8.08
CA GLY A 21 -9.54 2.97 -7.71
C GLY A 21 -9.78 3.03 -6.22
N TRP A 22 -8.73 2.80 -5.43
CA TRP A 22 -8.84 2.89 -3.98
C TRP A 22 -8.69 4.34 -3.52
N ARG A 23 -8.91 4.56 -2.24
CA ARG A 23 -8.87 5.92 -1.70
C ARG A 23 -8.11 5.93 -0.37
N LEU A 24 -7.25 6.92 -0.21
CA LEU A 24 -6.51 7.10 1.04
C LEU A 24 -7.44 7.64 2.12
N VAL A 25 -7.76 6.80 3.09
CA VAL A 25 -8.73 7.16 4.12
C VAL A 25 -8.05 7.62 5.41
N ARG A 26 -6.83 7.16 5.65
CA ARG A 26 -6.14 7.50 6.89
C ARG A 26 -4.64 7.27 6.76
N VAL A 27 -3.85 8.31 7.02
CA VAL A 27 -2.41 8.19 7.02
C VAL A 27 -1.90 8.06 8.45
N THR A 28 -1.51 6.86 8.82
CA THR A 28 -1.01 6.60 10.16
C THR A 28 0.53 6.55 10.13
N GLY A 29 1.15 7.67 10.48
CA GLY A 29 2.59 7.75 10.42
C GLY A 29 3.12 7.57 9.01
N SER A 30 3.83 6.48 8.78
CA SER A 30 4.35 6.17 7.46
C SER A 30 3.45 5.15 6.76
N ALA A 31 2.49 4.62 7.51
CA ALA A 31 1.57 3.62 6.98
C ALA A 31 0.27 4.28 6.54
N HIS A 32 0.15 4.52 5.25
CA HIS A 32 -1.06 5.10 4.70
C HIS A 32 -2.05 4.02 4.33
N HIS A 33 -3.29 4.19 4.76
CA HIS A 33 -4.32 3.18 4.59
C HIS A 33 -5.24 3.52 3.42
N PHE A 34 -5.34 2.60 2.48
CA PHE A 34 -6.25 2.73 1.36
C PHE A 34 -7.49 1.89 1.58
N LYS A 35 -8.64 2.48 1.31
CA LYS A 35 -9.91 1.80 1.44
C LYS A 35 -10.93 2.40 0.49
N HIS A 36 -11.86 1.59 0.04
CA HIS A 36 -12.93 2.06 -0.83
C HIS A 36 -14.24 2.01 -0.06
N PRO A 37 -15.09 3.04 -0.20
CA PRO A 37 -16.39 3.10 0.50
C PRO A 37 -17.41 2.06 -0.01
N LYS A 38 -17.00 0.81 0.03
CA LYS A 38 -17.79 -0.31 -0.45
C LYS A 38 -17.01 -1.61 -0.25
N LYS A 39 -15.70 -1.49 -0.24
CA LYS A 39 -14.83 -2.64 -0.05
C LYS A 39 -14.14 -2.57 1.32
N PRO A 40 -14.22 -3.65 2.11
CA PRO A 40 -13.61 -3.73 3.43
C PRO A 40 -12.13 -4.07 3.36
N GLY A 41 -11.53 -3.90 2.19
CA GLY A 41 -10.13 -4.18 2.02
C GLY A 41 -9.26 -3.02 2.44
N LEU A 42 -8.75 -3.07 3.65
CA LEU A 42 -7.92 -2.00 4.16
C LEU A 42 -6.45 -2.27 3.83
N VAL A 43 -5.94 -1.52 2.88
CA VAL A 43 -4.56 -1.69 2.44
C VAL A 43 -3.63 -0.76 3.23
N THR A 44 -2.71 -1.36 3.97
CA THR A 44 -1.73 -0.60 4.73
C THR A 44 -0.39 -0.61 4.02
N VAL A 45 -0.02 0.53 3.43
CA VAL A 45 1.28 0.64 2.77
C VAL A 45 2.22 1.56 3.57
N PRO A 46 3.12 0.96 4.35
CA PRO A 46 4.12 1.68 5.12
C PRO A 46 5.43 1.87 4.34
N HIS A 47 6.15 2.93 4.63
CA HIS A 47 7.44 3.15 4.00
C HIS A 47 8.58 2.84 4.98
N PRO A 48 9.05 1.58 5.01
CA PRO A 48 10.16 1.17 5.84
C PRO A 48 11.48 1.20 5.08
N LYS A 49 12.50 1.83 5.66
CA LYS A 49 13.80 1.87 5.01
C LYS A 49 14.52 0.54 5.21
N LYS A 50 14.38 -0.31 4.20
CA LYS A 50 14.90 -1.67 4.22
C LYS A 50 14.47 -2.34 2.93
N ASP A 51 14.87 -3.60 2.74
CA ASP A 51 14.28 -4.41 1.70
C ASP A 51 12.83 -4.71 2.08
N LEU A 52 11.90 -4.23 1.29
CA LEU A 52 10.48 -4.36 1.61
C LEU A 52 10.08 -5.83 1.65
N PRO A 53 9.54 -6.29 2.78
CA PRO A 53 9.11 -7.67 2.96
C PRO A 53 7.89 -8.01 2.09
N ILE A 54 8.04 -9.03 1.27
CA ILE A 54 6.97 -9.46 0.37
C ILE A 54 5.76 -9.96 1.17
N GLY A 55 6.03 -10.42 2.39
CA GLY A 55 4.96 -10.89 3.26
C GLY A 55 3.92 -9.82 3.52
N THR A 56 4.36 -8.59 3.70
CA THR A 56 3.47 -7.46 3.92
C THR A 56 2.72 -7.12 2.63
N VAL A 57 3.38 -7.29 1.51
CA VAL A 57 2.77 -7.01 0.22
C VAL A 57 1.70 -8.04 -0.11
N LYS A 58 1.92 -9.28 0.34
CA LYS A 58 0.91 -10.32 0.21
C LYS A 58 -0.36 -9.94 0.97
N SER A 59 -0.18 -9.17 2.04
CA SER A 59 -1.30 -8.65 2.80
C SER A 59 -1.95 -7.50 2.04
N ILE A 60 -1.14 -6.74 1.31
CA ILE A 60 -1.67 -5.66 0.47
C ILE A 60 -2.51 -6.25 -0.67
N GLN A 61 -1.94 -7.20 -1.39
CA GLN A 61 -2.58 -7.78 -2.57
C GLN A 61 -4.00 -8.26 -2.25
N LYS A 62 -4.12 -9.14 -1.26
CA LYS A 62 -5.41 -9.72 -0.90
C LYS A 62 -6.40 -8.65 -0.43
N SER A 63 -5.87 -7.54 0.09
CA SER A 63 -6.72 -6.45 0.56
C SER A 63 -7.09 -5.50 -0.57
N ALA A 64 -6.17 -5.32 -1.51
CA ALA A 64 -6.37 -4.41 -2.63
C ALA A 64 -7.16 -5.09 -3.75
N GLY A 65 -7.52 -6.34 -3.53
CA GLY A 65 -8.34 -7.07 -4.49
C GLY A 65 -7.51 -7.79 -5.52
N LEU A 66 -6.21 -7.85 -5.28
CA LEU A 66 -5.29 -8.53 -6.19
C LEU A 66 -5.24 -10.00 -5.85
N ASP A 1 24.78 17.95 4.86
CA ASP A 1 23.67 17.74 5.81
C ASP A 1 22.36 18.25 5.22
N ARG A 2 21.28 18.02 5.95
CA ARG A 2 19.94 18.45 5.55
C ARG A 2 19.61 17.97 4.15
N THR A 3 19.49 16.66 4.00
CA THR A 3 19.16 16.06 2.73
C THR A 3 18.33 14.80 2.97
N GLY A 4 17.13 15.00 3.52
CA GLY A 4 16.27 13.89 3.84
C GLY A 4 14.87 14.09 3.29
N SER A 5 14.76 14.85 2.21
CA SER A 5 13.47 15.11 1.59
C SER A 5 13.05 13.92 0.71
N GLU A 6 14.03 13.13 0.31
CA GLU A 6 13.75 11.97 -0.51
C GLU A 6 13.89 10.69 0.30
N LEU A 7 12.90 9.82 0.18
CA LEU A 7 12.91 8.54 0.85
C LEU A 7 12.44 7.45 -0.12
N MET A 8 13.14 7.37 -1.26
CA MET A 8 12.76 6.47 -2.35
C MET A 8 11.31 6.67 -2.72
N ASN A 9 11.02 7.81 -3.33
CA ASN A 9 9.65 8.22 -3.63
C ASN A 9 9.13 7.54 -4.89
N SER A 10 9.12 6.21 -4.88
CA SER A 10 8.64 5.45 -6.00
C SER A 10 7.20 5.00 -5.75
N SER A 11 6.99 4.23 -4.68
CA SER A 11 5.66 3.74 -4.31
C SER A 11 5.08 2.86 -5.43
N LYS A 12 5.88 1.92 -5.91
CA LYS A 12 5.48 1.04 -7.00
C LYS A 12 4.23 0.24 -6.63
N LEU A 13 4.22 -0.34 -5.44
CA LEU A 13 3.10 -1.16 -4.99
C LEU A 13 1.85 -0.31 -4.81
N ILE A 14 2.04 0.97 -4.54
CA ILE A 14 0.93 1.87 -4.34
C ILE A 14 0.34 2.31 -5.67
N ARG A 15 1.17 2.29 -6.71
CA ARG A 15 0.73 2.67 -8.05
C ARG A 15 -0.35 1.70 -8.56
N MET A 16 -0.07 0.41 -8.43
CA MET A 16 -1.01 -0.63 -8.86
C MET A 16 -2.24 -0.63 -7.96
N LEU A 17 -2.06 -0.11 -6.76
CA LEU A 17 -3.10 -0.06 -5.74
C LEU A 17 -4.06 1.10 -6.02
N GLU A 18 -3.50 2.28 -6.19
CA GLU A 18 -4.28 3.49 -6.38
C GLU A 18 -5.17 3.42 -7.61
N GLU A 19 -4.66 2.82 -8.69
CA GLU A 19 -5.37 2.81 -9.98
C GLU A 19 -6.64 1.96 -9.93
N ASP A 20 -6.77 1.11 -8.93
CA ASP A 20 -7.96 0.27 -8.79
C ASP A 20 -9.12 1.10 -8.28
N GLY A 21 -8.81 2.17 -7.55
CA GLY A 21 -9.84 3.02 -7.00
C GLY A 21 -9.70 3.20 -5.50
N TRP A 22 -8.65 2.63 -4.93
CA TRP A 22 -8.40 2.77 -3.51
C TRP A 22 -7.98 4.20 -3.17
N ARG A 23 -8.56 4.75 -2.13
CA ARG A 23 -8.26 6.12 -1.73
C ARG A 23 -7.66 6.13 -0.33
N LEU A 24 -6.80 7.10 -0.07
CA LEU A 24 -6.13 7.21 1.21
C LEU A 24 -7.10 7.75 2.25
N VAL A 25 -7.50 6.90 3.19
CA VAL A 25 -8.44 7.30 4.22
C VAL A 25 -7.72 7.76 5.49
N ARG A 26 -6.63 7.10 5.85
CA ARG A 26 -5.85 7.49 7.01
C ARG A 26 -4.42 7.83 6.61
N VAL A 27 -4.07 9.10 6.75
CA VAL A 27 -2.75 9.57 6.38
C VAL A 27 -1.78 9.41 7.55
N THR A 28 -0.94 8.39 7.48
CA THR A 28 0.05 8.14 8.51
C THR A 28 1.45 8.25 7.93
N GLY A 29 2.33 8.97 8.61
CA GLY A 29 3.68 9.19 8.12
C GLY A 29 4.59 8.00 8.31
N SER A 30 4.16 6.86 7.78
CA SER A 30 4.94 5.63 7.83
C SER A 30 4.31 4.61 6.91
N ALA A 31 3.04 4.36 7.13
CA ALA A 31 2.27 3.46 6.30
C ALA A 31 0.94 4.11 5.93
N HIS A 32 0.65 4.12 4.64
CA HIS A 32 -0.59 4.70 4.15
C HIS A 32 -1.69 3.65 4.17
N HIS A 33 -2.84 4.02 4.72
CA HIS A 33 -3.96 3.10 4.84
C HIS A 33 -5.03 3.46 3.81
N PHE A 34 -5.24 2.55 2.87
CA PHE A 34 -6.19 2.77 1.80
C PHE A 34 -7.48 2.00 2.04
N LYS A 35 -8.59 2.61 1.66
CA LYS A 35 -9.90 2.01 1.80
C LYS A 35 -10.88 2.65 0.82
N HIS A 36 -11.67 1.83 0.15
CA HIS A 36 -12.71 2.33 -0.72
C HIS A 36 -14.07 2.01 -0.12
N PRO A 37 -14.96 3.01 0.00
CA PRO A 37 -16.29 2.86 0.65
C PRO A 37 -17.28 2.03 -0.17
N LYS A 38 -16.86 0.84 -0.57
CA LYS A 38 -17.72 -0.06 -1.33
C LYS A 38 -17.17 -1.48 -1.27
N LYS A 39 -15.86 -1.61 -1.36
CA LYS A 39 -15.23 -2.92 -1.25
C LYS A 39 -14.48 -3.05 0.07
N PRO A 40 -14.77 -4.12 0.83
CA PRO A 40 -14.16 -4.34 2.14
C PRO A 40 -12.68 -4.68 2.06
N GLY A 41 -11.91 -4.11 2.95
CA GLY A 41 -10.48 -4.37 2.98
C GLY A 41 -9.69 -3.15 3.37
N LEU A 42 -8.64 -3.35 4.15
CA LEU A 42 -7.77 -2.26 4.54
C LEU A 42 -6.36 -2.52 4.04
N VAL A 43 -5.91 -1.67 3.13
CA VAL A 43 -4.59 -1.82 2.56
C VAL A 43 -3.58 -0.95 3.30
N THR A 44 -2.54 -1.58 3.83
CA THR A 44 -1.50 -0.88 4.55
C THR A 44 -0.20 -0.91 3.75
N VAL A 45 0.10 0.18 3.06
CA VAL A 45 1.31 0.28 2.27
C VAL A 45 2.35 1.15 2.98
N PRO A 46 3.42 0.53 3.49
CA PRO A 46 4.49 1.24 4.18
C PRO A 46 5.54 1.81 3.24
N HIS A 47 6.13 2.92 3.64
CA HIS A 47 7.21 3.51 2.89
C HIS A 47 8.54 2.91 3.35
N PRO A 48 9.57 2.95 2.46
CA PRO A 48 10.90 2.39 2.71
C PRO A 48 11.32 2.36 4.19
N LYS A 49 11.39 1.17 4.73
CA LYS A 49 11.70 0.96 6.14
C LYS A 49 12.31 -0.43 6.32
N LYS A 50 12.35 -0.94 7.54
CA LYS A 50 12.80 -2.29 7.77
C LYS A 50 11.75 -3.27 7.27
N ASP A 51 12.14 -4.10 6.31
CA ASP A 51 11.22 -4.95 5.58
C ASP A 51 10.48 -5.94 6.48
N LEU A 52 9.16 -5.81 6.51
CA LEU A 52 8.31 -6.77 7.20
C LEU A 52 8.17 -8.03 6.36
N PRO A 53 7.65 -9.12 6.93
CA PRO A 53 7.37 -10.36 6.18
C PRO A 53 6.53 -10.08 4.94
N ILE A 54 6.88 -10.75 3.84
CA ILE A 54 6.21 -10.52 2.56
C ILE A 54 4.73 -10.91 2.63
N GLY A 55 4.40 -11.70 3.66
CA GLY A 55 3.02 -12.05 3.91
C GLY A 55 2.12 -10.83 4.02
N THR A 56 2.63 -9.77 4.63
CA THR A 56 1.86 -8.54 4.78
C THR A 56 1.64 -7.86 3.42
N VAL A 57 2.61 -8.03 2.54
CA VAL A 57 2.56 -7.44 1.21
C VAL A 57 1.59 -8.19 0.30
N LYS A 58 1.61 -9.51 0.34
CA LYS A 58 0.68 -10.29 -0.45
C LYS A 58 -0.73 -10.15 0.10
N SER A 59 -0.83 -9.72 1.37
CA SER A 59 -2.12 -9.39 1.96
C SER A 59 -2.67 -8.12 1.30
N ILE A 60 -1.77 -7.22 0.93
CA ILE A 60 -2.15 -6.01 0.19
C ILE A 60 -2.80 -6.41 -1.13
N GLN A 61 -2.11 -7.27 -1.86
CA GLN A 61 -2.58 -7.73 -3.17
C GLN A 61 -3.92 -8.47 -3.02
N LYS A 62 -4.06 -9.22 -1.94
CA LYS A 62 -5.27 -9.98 -1.69
C LYS A 62 -6.44 -9.07 -1.30
N SER A 63 -6.12 -7.96 -0.66
CA SER A 63 -7.15 -7.02 -0.24
C SER A 63 -7.48 -6.04 -1.35
N ALA A 64 -6.45 -5.57 -2.04
CA ALA A 64 -6.60 -4.53 -3.05
C ALA A 64 -7.06 -5.10 -4.40
N GLY A 65 -6.65 -6.32 -4.70
CA GLY A 65 -6.97 -6.90 -5.99
C GLY A 65 -7.55 -8.30 -5.89
N LEU A 66 -7.83 -8.72 -4.67
CA LEU A 66 -8.40 -10.05 -4.39
C LEU A 66 -7.58 -11.15 -5.06
N ASP A 1 1.25 -2.37 -18.31
CA ASP A 1 2.07 -2.28 -17.07
C ASP A 1 3.41 -1.59 -17.34
N ARG A 2 4.08 -1.99 -18.43
CA ARG A 2 5.39 -1.44 -18.77
C ARG A 2 5.28 0.07 -19.00
N THR A 3 4.40 0.47 -19.91
CA THR A 3 4.16 1.88 -20.15
C THR A 3 3.40 2.49 -18.97
N GLY A 4 4.16 3.03 -18.03
CA GLY A 4 3.60 3.57 -16.81
C GLY A 4 4.53 3.34 -15.64
N SER A 5 5.26 2.24 -15.69
CA SER A 5 6.24 1.92 -14.68
C SER A 5 7.61 2.45 -15.11
N GLU A 6 7.61 3.66 -15.65
CA GLU A 6 8.83 4.29 -16.11
C GLU A 6 8.75 5.79 -15.85
N LEU A 7 9.22 6.19 -14.69
CA LEU A 7 9.16 7.58 -14.26
C LEU A 7 10.08 7.82 -13.07
N MET A 8 10.19 9.08 -12.65
CA MET A 8 11.08 9.46 -11.57
C MET A 8 10.37 9.32 -10.22
N ASN A 9 9.77 8.16 -10.00
CA ASN A 9 9.03 7.89 -8.78
C ASN A 9 8.91 6.39 -8.56
N SER A 10 9.88 5.80 -7.89
CA SER A 10 9.87 4.37 -7.61
C SER A 10 8.82 4.07 -6.54
N SER A 11 7.58 3.93 -6.98
CA SER A 11 6.47 3.70 -6.09
C SER A 11 5.37 2.95 -6.84
N LYS A 12 5.77 1.88 -7.50
CA LYS A 12 4.85 1.08 -8.31
C LYS A 12 3.79 0.43 -7.44
N LEU A 13 4.16 0.11 -6.20
CA LEU A 13 3.23 -0.49 -5.25
C LEU A 13 2.06 0.46 -4.97
N ILE A 14 2.37 1.71 -4.67
CA ILE A 14 1.35 2.70 -4.37
C ILE A 14 0.58 3.05 -5.64
N ARG A 15 1.29 3.10 -6.76
CA ARG A 15 0.68 3.39 -8.05
C ARG A 15 -0.35 2.33 -8.41
N MET A 16 0.04 1.06 -8.31
CA MET A 16 -0.86 -0.06 -8.58
C MET A 16 -2.10 0.02 -7.68
N LEU A 17 -1.85 0.29 -6.41
CA LEU A 17 -2.89 0.44 -5.41
C LEU A 17 -3.81 1.61 -5.76
N GLU A 18 -3.20 2.64 -6.31
CA GLU A 18 -3.91 3.85 -6.69
C GLU A 18 -4.81 3.61 -7.89
N GLU A 19 -4.30 2.88 -8.86
CA GLU A 19 -5.00 2.65 -10.12
C GLU A 19 -6.24 1.80 -9.94
N ASP A 20 -6.21 0.85 -9.00
CA ASP A 20 -7.35 -0.04 -8.78
C ASP A 20 -8.54 0.74 -8.24
N GLY A 21 -8.27 1.89 -7.63
CA GLY A 21 -9.35 2.75 -7.17
C GLY A 21 -9.33 2.97 -5.67
N TRP A 22 -8.17 2.84 -5.06
CA TRP A 22 -8.05 3.04 -3.63
C TRP A 22 -7.51 4.42 -3.32
N ARG A 23 -8.06 5.05 -2.29
CA ARG A 23 -7.61 6.37 -1.87
C ARG A 23 -7.29 6.36 -0.38
N LEU A 24 -6.47 7.30 0.04
CA LEU A 24 -5.97 7.35 1.40
C LEU A 24 -7.07 7.76 2.37
N VAL A 25 -7.30 6.95 3.40
CA VAL A 25 -8.33 7.23 4.38
C VAL A 25 -7.74 7.52 5.75
N ARG A 26 -6.67 6.82 6.12
CA ARG A 26 -6.04 7.02 7.42
C ARG A 26 -4.52 6.89 7.30
N VAL A 27 -3.80 7.72 8.06
CA VAL A 27 -2.35 7.70 8.05
C VAL A 27 -1.81 7.43 9.45
N THR A 28 -0.97 6.42 9.56
CA THR A 28 -0.31 6.11 10.82
C THR A 28 1.20 6.07 10.62
N GLY A 29 1.88 7.14 10.98
CA GLY A 29 3.30 7.24 10.79
C GLY A 29 3.69 7.24 9.33
N SER A 30 4.35 6.18 8.89
CA SER A 30 4.77 6.07 7.50
C SER A 30 3.90 5.05 6.78
N ALA A 31 2.94 4.47 7.50
CA ALA A 31 2.04 3.49 6.92
C ALA A 31 0.74 4.15 6.51
N HIS A 32 0.42 4.07 5.23
CA HIS A 32 -0.77 4.70 4.69
C HIS A 32 -1.88 3.67 4.53
N HIS A 33 -3.06 3.97 5.09
CA HIS A 33 -4.18 3.05 5.00
C HIS A 33 -5.13 3.49 3.89
N PHE A 34 -5.34 2.60 2.95
CA PHE A 34 -6.22 2.86 1.82
C PHE A 34 -7.49 2.05 1.95
N LYS A 35 -8.60 2.64 1.52
CA LYS A 35 -9.88 1.96 1.61
C LYS A 35 -10.88 2.51 0.62
N HIS A 36 -11.42 1.62 -0.19
CA HIS A 36 -12.46 1.96 -1.15
C HIS A 36 -13.76 1.27 -0.72
N PRO A 37 -14.77 2.04 -0.30
CA PRO A 37 -16.00 1.50 0.32
C PRO A 37 -16.79 0.52 -0.57
N LYS A 38 -16.44 0.44 -1.84
CA LYS A 38 -17.10 -0.49 -2.74
C LYS A 38 -16.44 -1.86 -2.66
N LYS A 39 -15.15 -1.86 -2.38
CA LYS A 39 -14.38 -3.09 -2.33
C LYS A 39 -13.97 -3.40 -0.90
N PRO A 40 -14.40 -4.56 -0.37
CA PRO A 40 -14.13 -4.93 1.03
C PRO A 40 -12.65 -5.21 1.30
N GLY A 41 -11.91 -4.16 1.56
CA GLY A 41 -10.51 -4.33 1.86
C GLY A 41 -9.92 -3.12 2.57
N LEU A 42 -8.96 -3.39 3.44
CA LEU A 42 -8.20 -2.33 4.07
C LEU A 42 -6.72 -2.53 3.78
N VAL A 43 -6.13 -1.60 3.03
CA VAL A 43 -4.74 -1.70 2.65
C VAL A 43 -3.86 -0.82 3.52
N THR A 44 -2.74 -1.35 3.95
CA THR A 44 -1.77 -0.58 4.71
C THR A 44 -0.42 -0.64 4.02
N VAL A 45 -0.09 0.40 3.26
CA VAL A 45 1.16 0.47 2.53
C VAL A 45 2.19 1.32 3.27
N PRO A 46 3.26 0.69 3.76
CA PRO A 46 4.37 1.38 4.39
C PRO A 46 5.42 1.79 3.37
N HIS A 47 6.12 2.88 3.65
CA HIS A 47 7.16 3.35 2.75
C HIS A 47 8.46 2.60 3.02
N PRO A 48 9.20 2.28 1.93
CA PRO A 48 10.41 1.44 1.97
C PRO A 48 11.35 1.75 3.14
N LYS A 49 11.34 0.84 4.11
CA LYS A 49 12.22 0.91 5.26
C LYS A 49 12.85 -0.45 5.50
N LYS A 50 13.39 -0.65 6.70
CA LYS A 50 14.00 -1.92 7.08
C LYS A 50 12.89 -2.99 7.28
N ASP A 51 13.28 -4.18 7.71
CA ASP A 51 12.33 -5.28 7.88
C ASP A 51 11.16 -4.93 8.81
N LEU A 52 9.99 -4.81 8.22
CA LEU A 52 8.73 -4.78 8.95
C LEU A 52 8.00 -6.07 8.68
N PRO A 53 7.00 -6.42 9.51
CA PRO A 53 6.19 -7.64 9.29
C PRO A 53 5.64 -7.72 7.87
N ILE A 54 6.17 -8.66 7.09
CA ILE A 54 5.80 -8.82 5.68
C ILE A 54 4.36 -9.29 5.54
N GLY A 55 3.78 -9.75 6.63
CA GLY A 55 2.39 -10.14 6.64
C GLY A 55 1.49 -8.99 6.24
N THR A 56 1.96 -7.77 6.51
CA THR A 56 1.24 -6.57 6.11
C THR A 56 1.17 -6.47 4.59
N VAL A 57 2.27 -6.84 3.94
CA VAL A 57 2.40 -6.71 2.49
C VAL A 57 1.51 -7.70 1.75
N LYS A 58 1.50 -8.95 2.20
CA LYS A 58 0.65 -9.95 1.57
C LYS A 58 -0.82 -9.67 1.88
N SER A 59 -1.06 -8.88 2.91
CA SER A 59 -2.41 -8.41 3.21
C SER A 59 -2.80 -7.27 2.26
N ILE A 60 -1.80 -6.53 1.77
CA ILE A 60 -2.04 -5.46 0.81
C ILE A 60 -2.62 -6.04 -0.48
N GLN A 61 -1.87 -6.95 -1.08
CA GLN A 61 -2.27 -7.56 -2.35
C GLN A 61 -3.61 -8.27 -2.21
N LYS A 62 -3.83 -8.87 -1.06
CA LYS A 62 -5.11 -9.53 -0.78
C LYS A 62 -6.25 -8.51 -0.84
N SER A 63 -6.07 -7.38 -0.19
CA SER A 63 -7.12 -6.38 -0.08
C SER A 63 -7.22 -5.54 -1.35
N ALA A 64 -6.08 -5.07 -1.85
CA ALA A 64 -6.06 -4.20 -3.02
C ALA A 64 -6.43 -4.96 -4.29
N GLY A 65 -6.14 -6.25 -4.30
CA GLY A 65 -6.45 -7.07 -5.46
C GLY A 65 -7.80 -7.74 -5.36
N LEU A 66 -8.11 -8.28 -4.19
CA LEU A 66 -9.35 -8.99 -3.93
C LEU A 66 -9.62 -10.05 -5.00
N ASP A 1 17.05 17.75 2.75
CA ASP A 1 17.85 18.12 3.94
C ASP A 1 19.08 17.23 4.05
N ARG A 2 18.86 15.93 4.16
CA ARG A 2 19.96 14.97 4.28
C ARG A 2 20.29 14.39 2.90
N THR A 3 21.57 14.36 2.57
CA THR A 3 22.01 13.84 1.29
C THR A 3 21.69 12.35 1.18
N GLY A 4 21.02 11.98 0.10
CA GLY A 4 20.66 10.59 -0.12
C GLY A 4 19.27 10.28 0.40
N SER A 5 18.62 11.27 0.99
CA SER A 5 17.27 11.10 1.50
C SER A 5 16.28 11.11 0.35
N GLU A 6 16.71 11.66 -0.78
CA GLU A 6 15.90 11.67 -1.99
C GLU A 6 15.99 10.31 -2.67
N LEU A 7 15.19 9.37 -2.20
CA LEU A 7 15.20 8.03 -2.76
C LEU A 7 13.90 7.76 -3.51
N MET A 8 13.94 6.74 -4.35
CA MET A 8 12.77 6.31 -5.09
C MET A 8 12.34 4.93 -4.63
N ASN A 9 11.32 4.89 -3.79
CA ASN A 9 10.83 3.64 -3.25
C ASN A 9 10.03 2.89 -4.30
N SER A 10 10.04 1.57 -4.20
CA SER A 10 9.27 0.73 -5.11
C SER A 10 7.78 0.84 -4.79
N SER A 11 7.13 1.80 -5.43
CA SER A 11 5.73 2.07 -5.17
C SER A 11 4.86 1.61 -6.33
N LYS A 12 5.35 0.64 -7.10
CA LYS A 12 4.63 0.12 -8.25
C LYS A 12 3.36 -0.60 -7.82
N LEU A 13 3.44 -1.37 -6.74
CA LEU A 13 2.29 -2.08 -6.23
C LEU A 13 1.32 -1.09 -5.58
N ILE A 14 1.87 -0.10 -4.89
CA ILE A 14 1.08 0.99 -4.33
C ILE A 14 0.40 1.76 -5.45
N ARG A 15 1.10 1.90 -6.57
CA ARG A 15 0.59 2.56 -7.76
C ARG A 15 -0.66 1.85 -8.26
N MET A 16 -0.57 0.52 -8.38
CA MET A 16 -1.71 -0.30 -8.79
C MET A 16 -2.83 -0.15 -7.78
N LEU A 17 -2.46 -0.31 -6.52
CA LEU A 17 -3.37 -0.15 -5.40
C LEU A 17 -4.10 1.19 -5.47
N GLU A 18 -3.42 2.19 -6.01
CA GLU A 18 -3.98 3.53 -6.06
C GLU A 18 -4.94 3.67 -7.24
N GLU A 19 -4.47 3.33 -8.43
CA GLU A 19 -5.27 3.49 -9.64
C GLU A 19 -6.40 2.45 -9.71
N ASP A 20 -6.32 1.44 -8.87
CA ASP A 20 -7.39 0.43 -8.78
C ASP A 20 -8.67 1.09 -8.27
N GLY A 21 -8.52 2.18 -7.54
CA GLY A 21 -9.67 2.91 -7.05
C GLY A 21 -9.62 3.13 -5.55
N TRP A 22 -8.66 2.51 -4.88
CA TRP A 22 -8.51 2.71 -3.45
C TRP A 22 -8.13 4.15 -3.15
N ARG A 23 -8.77 4.73 -2.15
CA ARG A 23 -8.55 6.13 -1.81
C ARG A 23 -7.79 6.25 -0.50
N LEU A 24 -6.90 7.23 -0.43
CA LEU A 24 -6.20 7.52 0.80
C LEU A 24 -7.13 8.20 1.79
N VAL A 25 -7.67 7.44 2.72
CA VAL A 25 -8.60 7.96 3.70
C VAL A 25 -7.88 8.37 4.97
N ARG A 26 -6.82 7.65 5.32
CA ARG A 26 -6.04 7.94 6.51
C ARG A 26 -4.56 7.72 6.25
N VAL A 27 -3.74 8.63 6.73
CA VAL A 27 -2.29 8.50 6.58
C VAL A 27 -1.58 8.94 7.86
N THR A 28 -1.07 7.96 8.59
CA THR A 28 -0.39 8.23 9.84
C THR A 28 1.09 7.92 9.73
N GLY A 29 1.88 8.96 9.50
CA GLY A 29 3.30 8.79 9.32
C GLY A 29 3.63 8.09 8.02
N SER A 30 4.40 7.02 8.10
CA SER A 30 4.79 6.26 6.92
C SER A 30 3.69 5.29 6.51
N ALA A 31 2.97 4.78 7.50
CA ALA A 31 1.89 3.83 7.24
C ALA A 31 0.61 4.56 6.86
N HIS A 32 0.14 4.31 5.66
CA HIS A 32 -1.07 4.96 5.17
C HIS A 32 -2.12 3.95 4.74
N HIS A 33 -3.36 4.21 5.14
CA HIS A 33 -4.46 3.28 4.92
C HIS A 33 -5.27 3.66 3.68
N PHE A 34 -5.40 2.69 2.79
CA PHE A 34 -6.22 2.81 1.60
C PHE A 34 -7.55 2.11 1.81
N LYS A 35 -8.62 2.78 1.42
CA LYS A 35 -9.95 2.20 1.56
C LYS A 35 -10.84 2.69 0.43
N HIS A 36 -11.56 1.77 -0.19
CA HIS A 36 -12.53 2.11 -1.22
C HIS A 36 -13.93 1.87 -0.67
N PRO A 37 -14.82 2.87 -0.76
CA PRO A 37 -16.20 2.79 -0.20
C PRO A 37 -17.09 1.79 -0.93
N LYS A 38 -16.64 0.54 -0.95
CA LYS A 38 -17.35 -0.55 -1.59
C LYS A 38 -16.59 -1.85 -1.33
N LYS A 39 -15.28 -1.73 -1.14
CA LYS A 39 -14.42 -2.87 -0.87
C LYS A 39 -14.10 -2.93 0.62
N PRO A 40 -14.46 -4.03 1.28
CA PRO A 40 -14.09 -4.25 2.68
C PRO A 40 -12.64 -4.68 2.81
N GLY A 41 -11.82 -3.82 3.37
CA GLY A 41 -10.42 -4.16 3.53
C GLY A 41 -9.59 -2.99 4.03
N LEU A 42 -8.60 -3.30 4.84
CA LEU A 42 -7.68 -2.28 5.35
C LEU A 42 -6.31 -2.47 4.73
N VAL A 43 -6.00 -1.69 3.71
CA VAL A 43 -4.69 -1.73 3.10
C VAL A 43 -3.83 -0.59 3.65
N THR A 44 -2.99 -0.91 4.61
CA THR A 44 -2.11 0.08 5.21
C THR A 44 -0.67 -0.19 4.82
N VAL A 45 -0.16 0.59 3.88
CA VAL A 45 1.18 0.36 3.36
C VAL A 45 2.17 1.37 3.94
N PRO A 46 3.14 0.89 4.74
CA PRO A 46 4.23 1.71 5.24
C PRO A 46 5.42 1.70 4.29
N HIS A 47 6.18 2.79 4.27
CA HIS A 47 7.36 2.85 3.43
C HIS A 47 8.59 3.24 4.26
N PRO A 48 9.25 2.25 4.86
CA PRO A 48 10.47 2.43 5.61
C PRO A 48 11.70 1.95 4.86
N LYS A 49 12.87 2.13 5.46
CA LYS A 49 14.07 1.51 4.93
C LYS A 49 14.17 0.10 5.50
N LYS A 50 13.74 -0.86 4.70
CA LYS A 50 13.65 -2.25 5.12
C LYS A 50 13.13 -3.09 3.97
N ASP A 51 13.60 -4.33 3.87
CA ASP A 51 13.06 -5.26 2.91
C ASP A 51 11.64 -5.64 3.29
N LEU A 52 10.68 -5.22 2.48
CA LEU A 52 9.27 -5.44 2.77
C LEU A 52 8.95 -6.93 2.72
N PRO A 53 8.30 -7.46 3.76
CA PRO A 53 7.88 -8.86 3.82
C PRO A 53 6.92 -9.20 2.68
N ILE A 54 7.39 -10.03 1.76
CA ILE A 54 6.61 -10.35 0.57
C ILE A 54 5.30 -11.06 0.94
N GLY A 55 5.32 -11.80 2.04
CA GLY A 55 4.11 -12.46 2.50
C GLY A 55 3.03 -11.46 2.85
N THR A 56 3.41 -10.42 3.56
CA THR A 56 2.48 -9.36 3.93
C THR A 56 2.02 -8.59 2.69
N VAL A 57 2.96 -8.33 1.79
CA VAL A 57 2.65 -7.56 0.59
C VAL A 57 1.75 -8.35 -0.37
N LYS A 58 1.96 -9.66 -0.45
CA LYS A 58 1.06 -10.50 -1.25
C LYS A 58 -0.32 -10.53 -0.62
N SER A 59 -0.36 -10.41 0.70
CA SER A 59 -1.62 -10.30 1.42
C SER A 59 -2.30 -8.98 1.06
N ILE A 60 -1.49 -7.91 0.94
CA ILE A 60 -2.00 -6.62 0.52
C ILE A 60 -2.60 -6.73 -0.88
N GLN A 61 -1.84 -7.33 -1.79
CA GLN A 61 -2.29 -7.53 -3.17
C GLN A 61 -3.59 -8.31 -3.20
N LYS A 62 -3.68 -9.34 -2.38
CA LYS A 62 -4.86 -10.17 -2.29
C LYS A 62 -6.06 -9.39 -1.76
N SER A 63 -5.82 -8.61 -0.71
CA SER A 63 -6.87 -7.82 -0.09
C SER A 63 -7.31 -6.68 -1.00
N ALA A 64 -6.36 -6.07 -1.69
CA ALA A 64 -6.65 -4.93 -2.55
C ALA A 64 -7.22 -5.37 -3.90
N GLY A 65 -6.80 -6.54 -4.35
CA GLY A 65 -7.28 -7.07 -5.62
C GLY A 65 -6.31 -6.80 -6.75
N LEU A 66 -5.04 -7.00 -6.48
CA LEU A 66 -3.99 -6.74 -7.47
C LEU A 66 -3.53 -8.05 -8.11
N ASP A 1 12.53 -15.82 -15.16
CA ASP A 1 12.98 -15.19 -13.90
C ASP A 1 12.19 -13.93 -13.63
N ARG A 2 12.00 -13.63 -12.34
CA ARG A 2 11.28 -12.43 -11.89
C ARG A 2 9.86 -12.43 -12.46
N THR A 3 9.07 -13.42 -12.07
CA THR A 3 7.71 -13.54 -12.56
C THR A 3 6.69 -13.05 -11.52
N GLY A 4 7.06 -13.15 -10.25
CA GLY A 4 6.15 -12.76 -9.19
C GLY A 4 6.33 -11.33 -8.77
N SER A 5 7.58 -10.93 -8.58
CA SER A 5 7.90 -9.58 -8.16
C SER A 5 8.03 -8.65 -9.36
N GLU A 6 7.00 -7.85 -9.59
CA GLU A 6 7.02 -6.88 -10.67
C GLU A 6 7.90 -5.70 -10.28
N LEU A 7 9.02 -5.56 -10.98
CA LEU A 7 10.03 -4.56 -10.61
C LEU A 7 9.56 -3.15 -10.94
N MET A 8 9.05 -2.48 -9.91
CA MET A 8 8.70 -1.07 -9.99
C MET A 8 9.34 -0.36 -8.80
N ASN A 9 10.00 0.75 -9.07
CA ASN A 9 10.82 1.43 -8.07
C ASN A 9 9.97 2.05 -6.96
N SER A 10 10.05 1.43 -5.78
CA SER A 10 9.42 1.92 -4.54
C SER A 10 7.90 1.80 -4.58
N SER A 11 7.25 2.65 -5.36
CA SER A 11 5.79 2.73 -5.36
C SER A 11 5.16 1.66 -6.27
N LYS A 12 5.71 0.46 -6.22
CA LYS A 12 5.25 -0.66 -7.03
C LYS A 12 3.76 -0.94 -6.82
N LEU A 13 3.37 -1.24 -5.59
CA LEU A 13 1.99 -1.57 -5.29
C LEU A 13 1.15 -0.29 -5.20
N ILE A 14 1.75 0.76 -4.66
CA ILE A 14 1.08 2.03 -4.48
C ILE A 14 0.59 2.58 -5.82
N ARG A 15 1.40 2.37 -6.85
CA ARG A 15 1.09 2.80 -8.21
C ARG A 15 -0.24 2.22 -8.66
N MET A 16 -0.37 0.89 -8.62
CA MET A 16 -1.60 0.23 -9.05
C MET A 16 -2.72 0.53 -8.06
N LEU A 17 -2.34 0.67 -6.80
CA LEU A 17 -3.29 0.91 -5.71
C LEU A 17 -4.05 2.21 -5.92
N GLU A 18 -3.31 3.29 -6.14
CA GLU A 18 -3.89 4.62 -6.28
C GLU A 18 -4.80 4.72 -7.50
N GLU A 19 -4.43 4.07 -8.59
CA GLU A 19 -5.19 4.18 -9.84
C GLU A 19 -6.25 3.10 -9.95
N ASP A 20 -6.25 2.16 -9.01
CA ASP A 20 -7.24 1.08 -9.01
C ASP A 20 -8.56 1.57 -8.43
N GLY A 21 -8.47 2.59 -7.59
CA GLY A 21 -9.66 3.17 -7.01
C GLY A 21 -9.64 3.22 -5.50
N TRP A 22 -8.55 2.76 -4.90
CA TRP A 22 -8.42 2.80 -3.45
C TRP A 22 -8.11 4.22 -2.99
N ARG A 23 -8.81 4.66 -1.96
CA ARG A 23 -8.63 6.01 -1.44
C ARG A 23 -7.97 5.96 -0.06
N LEU A 24 -7.15 6.95 0.21
CA LEU A 24 -6.51 7.09 1.51
C LEU A 24 -7.54 7.58 2.52
N VAL A 25 -8.00 6.68 3.36
CA VAL A 25 -9.07 7.01 4.29
C VAL A 25 -8.51 7.47 5.64
N ARG A 26 -7.26 7.15 5.91
CA ARG A 26 -6.59 7.62 7.10
C ARG A 26 -5.11 7.82 6.82
N VAL A 27 -4.64 9.04 7.09
CA VAL A 27 -3.27 9.39 6.80
C VAL A 27 -2.37 9.01 7.97
N THR A 28 -1.73 7.88 7.85
CA THR A 28 -0.82 7.40 8.86
C THR A 28 0.60 7.39 8.31
N GLY A 29 1.48 8.17 8.93
CA GLY A 29 2.84 8.28 8.47
C GLY A 29 3.60 6.97 8.61
N SER A 30 3.25 6.21 9.63
CA SER A 30 3.83 4.89 9.84
C SER A 30 3.48 3.97 8.68
N ALA A 31 2.20 3.93 8.33
CA ALA A 31 1.72 3.10 7.25
C ALA A 31 0.40 3.64 6.72
N HIS A 32 0.37 3.96 5.43
CA HIS A 32 -0.80 4.57 4.81
C HIS A 32 -1.95 3.59 4.74
N HIS A 33 -3.13 4.03 5.14
CA HIS A 33 -4.31 3.16 5.17
C HIS A 33 -5.27 3.50 4.04
N PHE A 34 -5.30 2.63 3.04
CA PHE A 34 -6.17 2.82 1.88
C PHE A 34 -7.40 1.94 1.98
N LYS A 35 -8.49 2.41 1.41
CA LYS A 35 -9.74 1.67 1.39
C LYS A 35 -10.55 2.05 0.16
N HIS A 36 -11.21 1.07 -0.44
CA HIS A 36 -12.08 1.32 -1.57
C HIS A 36 -13.48 1.59 -1.07
N PRO A 37 -14.11 2.70 -1.49
CA PRO A 37 -15.45 3.11 -1.03
C PRO A 37 -16.57 2.17 -1.50
N LYS A 38 -16.49 0.92 -1.08
CA LYS A 38 -17.47 -0.10 -1.45
C LYS A 38 -17.15 -1.39 -0.71
N LYS A 39 -15.87 -1.74 -0.70
CA LYS A 39 -15.43 -2.96 -0.02
C LYS A 39 -14.66 -2.61 1.26
N PRO A 40 -14.98 -3.28 2.37
CA PRO A 40 -14.31 -3.06 3.66
C PRO A 40 -12.91 -3.68 3.70
N GLY A 41 -12.11 -3.36 2.70
CA GLY A 41 -10.74 -3.82 2.65
C GLY A 41 -9.78 -2.72 3.02
N LEU A 42 -8.88 -3.00 3.93
CA LEU A 42 -7.94 -1.99 4.41
C LEU A 42 -6.53 -2.32 3.96
N VAL A 43 -6.00 -1.52 3.07
CA VAL A 43 -4.63 -1.68 2.60
C VAL A 43 -3.67 -0.86 3.45
N THR A 44 -2.64 -1.50 3.97
CA THR A 44 -1.69 -0.86 4.84
C THR A 44 -0.32 -0.75 4.15
N VAL A 45 -0.01 0.44 3.64
CA VAL A 45 1.20 0.64 2.85
C VAL A 45 2.32 1.27 3.67
N PRO A 46 3.48 0.59 3.75
CA PRO A 46 4.66 1.13 4.42
C PRO A 46 5.33 2.23 3.61
N HIS A 47 5.96 3.17 4.30
CA HIS A 47 6.58 4.32 3.64
C HIS A 47 7.97 3.97 3.11
N PRO A 48 8.46 4.73 2.11
CA PRO A 48 9.78 4.50 1.49
C PRO A 48 10.94 4.47 2.49
N LYS A 49 12.09 3.98 2.02
CA LYS A 49 13.26 3.64 2.84
C LYS A 49 12.89 3.29 4.28
N LYS A 50 12.75 1.99 4.51
CA LYS A 50 12.34 1.46 5.79
C LYS A 50 12.23 -0.05 5.65
N ASP A 51 12.51 -0.78 6.73
CA ASP A 51 12.32 -2.22 6.73
C ASP A 51 10.85 -2.55 6.48
N LEU A 52 10.53 -2.90 5.25
CA LEU A 52 9.17 -3.14 4.83
C LEU A 52 8.66 -4.46 5.41
N PRO A 53 7.53 -4.42 6.12
CA PRO A 53 6.90 -5.63 6.65
C PRO A 53 6.29 -6.46 5.52
N ILE A 54 6.92 -7.59 5.21
CA ILE A 54 6.54 -8.40 4.07
C ILE A 54 5.13 -8.97 4.27
N GLY A 55 4.81 -9.34 5.50
CA GLY A 55 3.48 -9.85 5.80
C GLY A 55 2.41 -8.84 5.45
N THR A 56 2.67 -7.58 5.79
CA THR A 56 1.74 -6.50 5.49
C THR A 56 1.68 -6.25 3.98
N VAL A 57 2.82 -6.34 3.32
CA VAL A 57 2.90 -6.12 1.88
C VAL A 57 2.19 -7.22 1.10
N LYS A 58 2.33 -8.46 1.58
CA LYS A 58 1.61 -9.58 0.97
C LYS A 58 0.11 -9.43 1.24
N SER A 59 -0.23 -8.71 2.29
CA SER A 59 -1.61 -8.42 2.61
C SER A 59 -2.15 -7.36 1.66
N ILE A 60 -1.28 -6.44 1.25
CA ILE A 60 -1.65 -5.45 0.25
C ILE A 60 -1.95 -6.16 -1.06
N GLN A 61 -1.06 -7.06 -1.45
CA GLN A 61 -1.22 -7.86 -2.65
C GLN A 61 -2.50 -8.70 -2.57
N LYS A 62 -2.85 -9.09 -1.35
CA LYS A 62 -4.08 -9.83 -1.11
C LYS A 62 -5.31 -8.97 -1.40
N SER A 63 -5.42 -7.85 -0.69
CA SER A 63 -6.61 -7.01 -0.78
C SER A 63 -6.62 -6.17 -2.06
N ALA A 64 -5.52 -5.50 -2.36
CA ALA A 64 -5.47 -4.58 -3.47
C ALA A 64 -5.21 -5.30 -4.79
N GLY A 65 -4.60 -6.48 -4.71
CA GLY A 65 -4.25 -7.21 -5.91
C GLY A 65 -5.28 -8.26 -6.28
N LEU A 66 -5.65 -9.08 -5.29
CA LEU A 66 -6.60 -10.19 -5.48
C LEU A 66 -5.99 -11.27 -6.35
N ASP A 1 1.68 -7.84 17.76
CA ASP A 1 1.70 -7.52 16.32
C ASP A 1 0.72 -8.41 15.57
N ARG A 2 -0.53 -7.96 15.46
CA ARG A 2 -1.59 -8.76 14.86
C ARG A 2 -1.47 -8.78 13.34
N THR A 3 -0.96 -7.70 12.76
CA THR A 3 -0.72 -7.66 11.33
C THR A 3 0.71 -8.09 11.04
N GLY A 4 1.61 -7.66 11.92
CA GLY A 4 3.01 -8.01 11.79
C GLY A 4 3.90 -6.93 12.35
N SER A 5 5.15 -7.28 12.63
CA SER A 5 6.12 -6.32 13.12
C SER A 5 6.32 -5.20 12.09
N GLU A 6 6.63 -5.61 10.87
CA GLU A 6 6.70 -4.70 9.76
C GLU A 6 5.86 -5.25 8.61
N LEU A 7 6.46 -6.15 7.82
CA LEU A 7 5.76 -6.82 6.72
C LEU A 7 5.08 -5.82 5.78
N MET A 8 5.67 -4.64 5.66
CA MET A 8 5.12 -3.58 4.82
C MET A 8 6.25 -2.87 4.09
N ASN A 9 6.45 -3.24 2.83
CA ASN A 9 7.50 -2.64 2.02
C ASN A 9 7.01 -2.44 0.59
N SER A 10 6.86 -1.19 0.20
CA SER A 10 6.35 -0.88 -1.14
C SER A 10 6.95 0.42 -1.66
N SER A 11 6.92 0.57 -2.98
CA SER A 11 7.38 1.79 -3.63
C SER A 11 6.81 1.85 -5.04
N LYS A 12 6.86 0.74 -5.76
CA LYS A 12 6.38 0.69 -7.13
C LYS A 12 4.90 0.29 -7.18
N LEU A 13 4.53 -0.70 -6.39
CA LEU A 13 3.17 -1.25 -6.41
C LEU A 13 2.12 -0.23 -5.98
N ILE A 14 2.55 0.83 -5.30
CA ILE A 14 1.66 1.91 -4.88
C ILE A 14 0.89 2.49 -6.07
N ARG A 15 1.53 2.49 -7.24
CA ARG A 15 0.91 3.03 -8.45
C ARG A 15 -0.32 2.23 -8.85
N MET A 16 -0.21 0.91 -8.81
CA MET A 16 -1.31 0.03 -9.18
C MET A 16 -2.49 0.21 -8.23
N LEU A 17 -2.18 0.38 -6.95
CA LEU A 17 -3.18 0.56 -5.92
C LEU A 17 -3.95 1.87 -6.15
N GLU A 18 -3.26 2.83 -6.76
CA GLU A 18 -3.86 4.11 -7.09
C GLU A 18 -4.79 3.95 -8.29
N GLU A 19 -4.32 3.23 -9.29
CA GLU A 19 -5.07 3.02 -10.52
C GLU A 19 -6.27 2.10 -10.30
N ASP A 20 -6.18 1.27 -9.27
CA ASP A 20 -7.26 0.34 -8.95
C ASP A 20 -8.46 1.08 -8.37
N GLY A 21 -8.20 2.22 -7.75
CA GLY A 21 -9.28 3.06 -7.26
C GLY A 21 -9.36 3.15 -5.75
N TRP A 22 -8.25 2.89 -5.08
CA TRP A 22 -8.21 2.98 -3.62
C TRP A 22 -7.81 4.38 -3.19
N ARG A 23 -8.57 4.94 -2.26
CA ARG A 23 -8.39 6.32 -1.87
C ARG A 23 -7.84 6.40 -0.45
N LEU A 24 -7.02 7.43 -0.20
CA LEU A 24 -6.44 7.66 1.11
C LEU A 24 -7.50 8.12 2.09
N VAL A 25 -7.99 7.19 2.91
CA VAL A 25 -9.06 7.48 3.84
C VAL A 25 -8.52 7.83 5.23
N ARG A 26 -7.31 7.37 5.53
CA ARG A 26 -6.71 7.62 6.83
C ARG A 26 -5.19 7.68 6.73
N VAL A 27 -4.61 8.70 7.33
CA VAL A 27 -3.16 8.84 7.37
C VAL A 27 -2.62 8.39 8.72
N THR A 28 -1.40 7.88 8.72
CA THR A 28 -0.73 7.44 9.92
C THR A 28 0.71 7.94 9.88
N GLY A 29 1.37 8.00 11.05
CA GLY A 29 2.70 8.57 11.16
C GLY A 29 3.66 8.13 10.07
N SER A 30 3.79 6.83 9.86
CA SER A 30 4.73 6.32 8.87
C SER A 30 4.02 5.81 7.62
N ALA A 31 2.96 5.03 7.83
CA ALA A 31 2.24 4.42 6.72
C ALA A 31 0.87 5.06 6.53
N HIS A 32 0.27 4.83 5.37
CA HIS A 32 -1.05 5.37 5.07
C HIS A 32 -2.05 4.26 4.78
N HIS A 33 -3.29 4.44 5.20
CA HIS A 33 -4.32 3.43 4.98
C HIS A 33 -5.18 3.78 3.77
N PHE A 34 -5.35 2.79 2.90
CA PHE A 34 -6.22 2.91 1.74
C PHE A 34 -7.44 2.02 1.91
N LYS A 35 -8.58 2.52 1.47
CA LYS A 35 -9.81 1.75 1.51
C LYS A 35 -10.74 2.15 0.37
N HIS A 36 -11.32 1.15 -0.27
CA HIS A 36 -12.30 1.35 -1.32
C HIS A 36 -13.68 1.02 -0.75
N PRO A 37 -14.67 1.91 -0.96
CA PRO A 37 -16.03 1.76 -0.38
C PRO A 37 -16.83 0.57 -0.94
N LYS A 38 -16.13 -0.51 -1.21
CA LYS A 38 -16.74 -1.73 -1.72
C LYS A 38 -16.07 -2.93 -1.07
N LYS A 39 -14.76 -2.81 -0.90
CA LYS A 39 -13.98 -3.85 -0.22
C LYS A 39 -13.47 -3.32 1.11
N PRO A 40 -13.99 -3.86 2.23
CA PRO A 40 -13.62 -3.42 3.58
C PRO A 40 -12.25 -3.93 4.01
N GLY A 41 -11.26 -3.74 3.16
CA GLY A 41 -9.91 -4.18 3.46
C GLY A 41 -9.04 -3.03 3.94
N LEU A 42 -8.10 -3.34 4.81
CA LEU A 42 -7.20 -2.32 5.32
C LEU A 42 -5.86 -2.40 4.61
N VAL A 43 -5.68 -1.55 3.62
CA VAL A 43 -4.41 -1.48 2.91
C VAL A 43 -3.51 -0.45 3.59
N THR A 44 -2.39 -0.91 4.10
CA THR A 44 -1.45 -0.05 4.80
C THR A 44 -0.17 0.09 4.00
N VAL A 45 -0.01 1.23 3.35
CA VAL A 45 1.12 1.46 2.45
C VAL A 45 2.17 2.36 3.09
N PRO A 46 3.39 1.84 3.25
CA PRO A 46 4.57 2.61 3.66
C PRO A 46 5.14 3.40 2.50
N HIS A 47 5.83 4.49 2.81
CA HIS A 47 6.39 5.33 1.76
C HIS A 47 7.65 4.67 1.22
N PRO A 48 7.94 4.86 -0.09
CA PRO A 48 9.00 4.15 -0.83
C PRO A 48 10.09 3.56 0.05
N LYS A 49 9.96 2.26 0.29
CA LYS A 49 10.84 1.55 1.20
C LYS A 49 11.73 0.58 0.42
N LYS A 50 12.36 -0.36 1.12
CA LYS A 50 13.26 -1.31 0.47
C LYS A 50 12.47 -2.34 -0.31
N ASP A 51 13.07 -2.87 -1.36
CA ASP A 51 12.45 -3.91 -2.16
C ASP A 51 12.67 -5.26 -1.52
N LEU A 52 11.67 -5.72 -0.78
CA LEU A 52 11.74 -6.99 -0.10
C LEU A 52 10.78 -7.99 -0.74
N PRO A 53 10.87 -9.29 -0.40
CA PRO A 53 9.96 -10.31 -0.93
C PRO A 53 8.50 -9.87 -0.88
N ILE A 54 7.81 -10.03 -1.99
CA ILE A 54 6.44 -9.57 -2.12
C ILE A 54 5.43 -10.56 -1.55
N GLY A 55 5.95 -11.63 -0.94
CA GLY A 55 5.08 -12.64 -0.36
C GLY A 55 4.23 -12.08 0.76
N THR A 56 4.82 -11.24 1.59
CA THR A 56 4.08 -10.61 2.68
C THR A 56 3.25 -9.44 2.13
N VAL A 57 3.74 -8.87 1.05
CA VAL A 57 3.05 -7.79 0.35
C VAL A 57 1.75 -8.28 -0.28
N LYS A 58 1.68 -9.59 -0.49
CA LYS A 58 0.44 -10.21 -0.95
C LYS A 58 -0.73 -9.91 -0.03
N SER A 59 -0.43 -9.53 1.21
CA SER A 59 -1.46 -9.07 2.13
C SER A 59 -2.12 -7.80 1.57
N ILE A 60 -1.30 -6.91 1.01
CA ILE A 60 -1.82 -5.71 0.37
C ILE A 60 -2.52 -6.07 -0.92
N GLN A 61 -1.89 -6.96 -1.69
CA GLN A 61 -2.43 -7.36 -2.98
C GLN A 61 -3.72 -8.15 -2.83
N LYS A 62 -3.92 -8.74 -1.67
CA LYS A 62 -5.16 -9.44 -1.38
C LYS A 62 -6.22 -8.43 -0.96
N SER A 63 -5.89 -7.58 0.00
CA SER A 63 -6.79 -6.55 0.47
C SER A 63 -7.19 -5.64 -0.68
N ALA A 64 -6.21 -5.27 -1.49
CA ALA A 64 -6.43 -4.42 -2.66
C ALA A 64 -6.67 -5.27 -3.91
N GLY A 65 -7.07 -6.52 -3.72
CA GLY A 65 -7.29 -7.40 -4.84
C GLY A 65 -8.23 -8.54 -4.50
N LEU A 66 -7.69 -9.74 -4.41
CA LEU A 66 -8.50 -10.95 -4.24
C LEU A 66 -8.13 -11.71 -2.97
N ASP A 1 13.50 19.33 -16.68
CA ASP A 1 12.14 19.36 -17.29
C ASP A 1 11.23 18.35 -16.61
N ARG A 2 11.51 17.08 -16.84
CA ARG A 2 10.75 16.00 -16.23
C ARG A 2 11.60 15.29 -15.19
N THR A 3 10.95 14.56 -14.31
CA THR A 3 11.63 13.78 -13.30
C THR A 3 10.65 12.81 -12.65
N GLY A 4 11.16 11.68 -12.17
CA GLY A 4 10.31 10.69 -11.53
C GLY A 4 11.12 9.65 -10.79
N SER A 5 10.51 8.97 -9.86
CA SER A 5 11.22 7.98 -9.05
C SER A 5 11.11 6.59 -9.68
N GLU A 6 11.93 6.36 -10.70
CA GLU A 6 11.96 5.08 -11.39
C GLU A 6 12.92 4.12 -10.70
N LEU A 7 12.67 2.82 -10.87
CA LEU A 7 13.46 1.77 -10.23
C LEU A 7 13.36 1.86 -8.71
N MET A 8 12.29 2.49 -8.24
CA MET A 8 12.07 2.68 -6.82
C MET A 8 10.76 2.06 -6.39
N ASN A 9 10.84 0.91 -5.72
CA ASN A 9 9.65 0.21 -5.27
C ASN A 9 9.13 0.85 -3.99
N SER A 10 8.84 2.13 -4.07
CA SER A 10 8.26 2.86 -2.96
C SER A 10 6.98 3.56 -3.41
N SER A 11 6.64 3.38 -4.68
CA SER A 11 5.45 4.00 -5.25
C SER A 11 4.94 3.22 -6.47
N LYS A 12 5.45 2.01 -6.67
CA LYS A 12 5.10 1.23 -7.85
C LYS A 12 3.79 0.48 -7.63
N LEU A 13 3.75 -0.34 -6.58
CA LEU A 13 2.54 -1.07 -6.25
C LEU A 13 1.50 -0.10 -5.72
N ILE A 14 1.97 0.94 -5.05
CA ILE A 14 1.10 1.98 -4.51
C ILE A 14 0.39 2.74 -5.64
N ARG A 15 1.08 2.92 -6.76
CA ARG A 15 0.49 3.58 -7.91
C ARG A 15 -0.67 2.74 -8.46
N MET A 16 -0.41 1.45 -8.62
CA MET A 16 -1.43 0.50 -9.04
C MET A 16 -2.60 0.52 -8.08
N LEU A 17 -2.28 0.45 -6.80
CA LEU A 17 -3.25 0.50 -5.72
C LEU A 17 -4.14 1.75 -5.84
N GLU A 18 -3.51 2.86 -6.19
CA GLU A 18 -4.21 4.14 -6.27
C GLU A 18 -5.12 4.18 -7.51
N GLU A 19 -4.61 3.73 -8.64
CA GLU A 19 -5.34 3.80 -9.90
C GLU A 19 -6.45 2.74 -9.96
N ASP A 20 -6.35 1.72 -9.11
CA ASP A 20 -7.35 0.66 -9.09
C ASP A 20 -8.66 1.16 -8.47
N GLY A 21 -8.57 2.28 -7.74
CA GLY A 21 -9.76 2.91 -7.21
C GLY A 21 -9.70 3.13 -5.71
N TRP A 22 -8.66 2.63 -5.08
CA TRP A 22 -8.53 2.74 -3.63
C TRP A 22 -8.21 4.17 -3.21
N ARG A 23 -8.73 4.57 -2.06
CA ARG A 23 -8.56 5.93 -1.58
C ARG A 23 -7.72 5.96 -0.32
N LEU A 24 -6.83 6.95 -0.24
CA LEU A 24 -6.05 7.20 0.96
C LEU A 24 -6.97 7.82 2.02
N VAL A 25 -7.48 6.98 2.90
CA VAL A 25 -8.47 7.41 3.88
C VAL A 25 -7.85 7.71 5.24
N ARG A 26 -6.66 7.16 5.48
CA ARG A 26 -5.96 7.40 6.74
C ARG A 26 -4.46 7.49 6.51
N VAL A 27 -3.90 8.64 6.85
CA VAL A 27 -2.47 8.86 6.71
C VAL A 27 -1.74 8.56 8.03
N THR A 28 -0.53 8.04 7.90
CA THR A 28 0.32 7.73 9.04
C THR A 28 1.78 7.88 8.61
N GLY A 29 2.67 8.07 9.57
CA GLY A 29 4.07 8.30 9.26
C GLY A 29 4.67 7.28 8.30
N SER A 30 4.78 6.04 8.73
CA SER A 30 5.45 5.02 7.94
C SER A 30 4.51 4.33 6.96
N ALA A 31 3.27 4.11 7.36
CA ALA A 31 2.32 3.36 6.55
C ALA A 31 1.08 4.18 6.23
N HIS A 32 0.46 3.88 5.09
CA HIS A 32 -0.76 4.56 4.68
C HIS A 32 -1.87 3.53 4.47
N HIS A 33 -3.05 3.81 5.02
CA HIS A 33 -4.18 2.91 4.84
C HIS A 33 -5.05 3.34 3.67
N PHE A 34 -5.28 2.41 2.77
CA PHE A 34 -6.16 2.60 1.64
C PHE A 34 -7.42 1.77 1.80
N LYS A 35 -8.53 2.33 1.40
CA LYS A 35 -9.83 1.67 1.54
C LYS A 35 -10.76 2.15 0.43
N HIS A 36 -11.58 1.26 -0.08
CA HIS A 36 -12.52 1.60 -1.13
C HIS A 36 -13.91 1.75 -0.53
N PRO A 37 -14.60 2.87 -0.80
CA PRO A 37 -15.93 3.18 -0.23
C PRO A 37 -17.05 2.29 -0.77
N LYS A 38 -16.84 0.98 -0.74
CA LYS A 38 -17.84 0.03 -1.21
C LYS A 38 -17.45 -1.37 -0.75
N LYS A 39 -16.20 -1.72 -0.97
CA LYS A 39 -15.68 -3.01 -0.53
C LYS A 39 -14.73 -2.81 0.66
N PRO A 40 -14.89 -3.61 1.72
CA PRO A 40 -14.05 -3.52 2.91
C PRO A 40 -12.65 -4.08 2.67
N GLY A 41 -11.68 -3.61 3.44
CA GLY A 41 -10.33 -4.09 3.29
C GLY A 41 -9.32 -3.06 3.75
N LEU A 42 -8.40 -3.49 4.60
CA LEU A 42 -7.40 -2.58 5.13
C LEU A 42 -6.09 -2.75 4.37
N VAL A 43 -5.86 -1.87 3.42
CA VAL A 43 -4.58 -1.85 2.73
C VAL A 43 -3.65 -0.88 3.45
N THR A 44 -2.77 -1.44 4.26
CA THR A 44 -1.81 -0.64 5.00
C THR A 44 -0.44 -0.77 4.39
N VAL A 45 -0.05 0.22 3.59
CA VAL A 45 1.21 0.19 2.87
C VAL A 45 2.31 0.91 3.63
N PRO A 46 3.26 0.16 4.22
CA PRO A 46 4.42 0.73 4.89
C PRO A 46 5.54 1.03 3.90
N HIS A 47 6.12 2.21 4.03
CA HIS A 47 7.22 2.61 3.17
C HIS A 47 8.53 2.03 3.69
N PRO A 48 9.45 1.69 2.75
CA PRO A 48 10.74 1.04 3.05
C PRO A 48 11.38 1.49 4.36
N LYS A 49 11.19 0.68 5.39
CA LYS A 49 11.68 0.94 6.73
C LYS A 49 11.24 -0.22 7.61
N LYS A 50 11.64 -0.25 8.87
CA LYS A 50 11.13 -1.26 9.78
C LYS A 50 9.71 -0.94 10.18
N ASP A 51 8.79 -1.78 9.77
CA ASP A 51 7.38 -1.58 10.05
C ASP A 51 6.70 -2.95 10.06
N LEU A 52 5.38 -2.95 10.11
CA LEU A 52 4.58 -4.17 10.09
C LEU A 52 5.15 -5.21 9.13
N PRO A 53 5.15 -6.49 9.58
CA PRO A 53 5.78 -7.60 8.83
C PRO A 53 5.15 -7.81 7.46
N ILE A 54 5.88 -8.52 6.61
CA ILE A 54 5.49 -8.76 5.22
C ILE A 54 4.19 -9.57 5.13
N GLY A 55 3.75 -10.11 6.25
CA GLY A 55 2.45 -10.75 6.31
C GLY A 55 1.33 -9.77 6.03
N THR A 56 1.61 -8.50 6.28
CA THR A 56 0.67 -7.43 5.96
C THR A 56 0.75 -7.11 4.47
N VAL A 57 1.94 -7.25 3.92
CA VAL A 57 2.20 -6.94 2.51
C VAL A 57 1.52 -7.94 1.59
N LYS A 58 1.63 -9.22 1.89
CA LYS A 58 0.95 -10.25 1.12
C LYS A 58 -0.56 -10.11 1.28
N SER A 59 -0.98 -9.40 2.31
CA SER A 59 -2.39 -9.09 2.50
C SER A 59 -2.78 -7.94 1.58
N ILE A 60 -1.88 -6.98 1.38
CA ILE A 60 -2.13 -5.85 0.49
C ILE A 60 -2.37 -6.34 -0.93
N GLN A 61 -1.44 -7.15 -1.41
CA GLN A 61 -1.48 -7.65 -2.78
C GLN A 61 -2.73 -8.49 -3.02
N LYS A 62 -3.27 -9.03 -1.95
CA LYS A 62 -4.49 -9.82 -2.03
C LYS A 62 -5.72 -8.92 -1.93
N SER A 63 -5.78 -8.08 -0.90
CA SER A 63 -6.91 -7.19 -0.69
C SER A 63 -7.04 -6.20 -1.85
N ALA A 64 -5.90 -5.72 -2.32
CA ALA A 64 -5.87 -4.77 -3.44
C ALA A 64 -5.54 -5.49 -4.74
N GLY A 65 -5.78 -6.80 -4.76
CA GLY A 65 -5.53 -7.58 -5.95
C GLY A 65 -6.36 -8.85 -5.97
N LEU A 66 -5.74 -9.98 -5.69
CA LEU A 66 -6.42 -11.26 -5.72
C LEU A 66 -5.95 -12.13 -4.57
N ASP A 1 3.87 27.19 -2.55
CA ASP A 1 5.05 27.81 -3.19
C ASP A 1 5.96 26.75 -3.80
N ARG A 2 6.31 25.75 -2.98
CA ARG A 2 7.18 24.69 -3.44
C ARG A 2 6.38 23.62 -4.18
N THR A 3 6.66 23.48 -5.46
CA THR A 3 6.01 22.44 -6.25
C THR A 3 6.46 21.06 -5.78
N GLY A 4 5.51 20.30 -5.27
CA GLY A 4 5.84 19.02 -4.68
C GLY A 4 5.74 17.89 -5.68
N SER A 5 4.62 17.19 -5.65
CA SER A 5 4.37 16.06 -6.54
C SER A 5 5.36 14.93 -6.30
N GLU A 6 5.06 14.11 -5.28
CA GLU A 6 5.84 12.92 -4.95
C GLU A 6 7.23 13.27 -4.46
N LEU A 7 7.33 13.66 -3.20
CA LEU A 7 8.63 13.93 -2.58
C LEU A 7 9.10 12.71 -1.83
N MET A 8 9.37 11.63 -2.57
CA MET A 8 9.77 10.36 -1.98
C MET A 8 8.64 9.78 -1.14
N ASN A 9 7.78 9.01 -1.76
CA ASN A 9 6.64 8.41 -1.08
C ASN A 9 6.71 6.88 -1.09
N SER A 10 7.73 6.36 -1.78
CA SER A 10 7.99 4.92 -1.86
C SER A 10 6.77 4.16 -2.40
N SER A 11 5.90 4.85 -3.12
CA SER A 11 4.66 4.26 -3.57
C SER A 11 4.84 3.62 -4.94
N LYS A 12 5.61 2.55 -4.99
CA LYS A 12 5.82 1.80 -6.22
C LYS A 12 4.71 0.77 -6.40
N LEU A 13 4.66 -0.19 -5.49
CA LEU A 13 3.57 -1.15 -5.49
C LEU A 13 2.33 -0.54 -4.85
N ILE A 14 2.56 0.46 -4.01
CA ILE A 14 1.48 1.23 -3.42
C ILE A 14 0.74 2.01 -4.52
N ARG A 15 1.46 2.27 -5.61
CA ARG A 15 0.87 2.91 -6.77
C ARG A 15 -0.12 1.96 -7.45
N MET A 16 0.29 0.70 -7.62
CA MET A 16 -0.58 -0.33 -8.18
C MET A 16 -1.81 -0.49 -7.30
N LEU A 17 -1.57 -0.49 -5.99
CA LEU A 17 -2.63 -0.53 -5.00
C LEU A 17 -3.62 0.62 -5.23
N GLU A 18 -3.10 1.80 -5.53
CA GLU A 18 -3.93 2.98 -5.68
C GLU A 18 -4.73 2.92 -6.98
N GLU A 19 -4.05 2.60 -8.07
CA GLU A 19 -4.69 2.56 -9.39
C GLU A 19 -5.61 1.35 -9.53
N ASP A 20 -5.60 0.46 -8.53
CA ASP A 20 -6.53 -0.66 -8.49
C ASP A 20 -7.92 -0.16 -8.13
N GLY A 21 -7.98 1.07 -7.62
CA GLY A 21 -9.24 1.67 -7.28
C GLY A 21 -9.34 2.03 -5.82
N TRP A 22 -8.19 2.23 -5.18
CA TRP A 22 -8.15 2.59 -3.77
C TRP A 22 -7.87 4.08 -3.58
N ARG A 23 -8.11 4.56 -2.37
CA ARG A 23 -7.86 5.95 -2.03
C ARG A 23 -7.19 6.04 -0.67
N LEU A 24 -6.20 6.91 -0.55
CA LEU A 24 -5.53 7.13 0.72
C LEU A 24 -6.41 7.99 1.61
N VAL A 25 -7.01 7.37 2.63
CA VAL A 25 -7.95 8.08 3.49
C VAL A 25 -7.27 8.62 4.74
N ARG A 26 -6.31 7.87 5.28
CA ARG A 26 -5.64 8.27 6.51
C ARG A 26 -4.18 7.86 6.48
N VAL A 27 -3.35 8.62 7.17
CA VAL A 27 -1.91 8.37 7.20
C VAL A 27 -1.39 8.37 8.62
N THR A 28 -0.74 7.29 9.01
CA THR A 28 -0.14 7.21 10.34
C THR A 28 1.36 7.00 10.23
N GLY A 29 2.12 8.08 10.37
CA GLY A 29 3.57 8.00 10.23
C GLY A 29 3.95 7.72 8.80
N SER A 30 4.29 6.47 8.51
CA SER A 30 4.64 6.07 7.16
C SER A 30 3.68 4.98 6.68
N ALA A 31 2.61 4.79 7.45
CA ALA A 31 1.61 3.78 7.12
C ALA A 31 0.50 4.38 6.26
N HIS A 32 0.45 3.92 5.01
CA HIS A 32 -0.57 4.39 4.08
C HIS A 32 -1.85 3.59 4.28
N HIS A 33 -2.93 4.25 4.72
CA HIS A 33 -4.21 3.58 4.90
C HIS A 33 -5.12 3.86 3.71
N PHE A 34 -5.35 2.84 2.89
CA PHE A 34 -6.20 2.96 1.73
C PHE A 34 -7.58 2.39 2.00
N LYS A 35 -8.61 3.09 1.53
CA LYS A 35 -9.98 2.65 1.67
C LYS A 35 -10.87 3.28 0.62
N HIS A 36 -11.45 2.44 -0.22
CA HIS A 36 -12.42 2.89 -1.20
C HIS A 36 -13.80 2.31 -0.85
N PRO A 37 -14.84 3.16 -0.78
CA PRO A 37 -16.22 2.73 -0.50
C PRO A 37 -16.81 1.87 -1.63
N LYS A 38 -16.25 0.68 -1.77
CA LYS A 38 -16.60 -0.27 -2.81
C LYS A 38 -15.69 -1.48 -2.67
N LYS A 39 -14.53 -1.24 -2.09
CA LYS A 39 -13.53 -2.27 -1.87
C LYS A 39 -13.63 -2.80 -0.43
N PRO A 40 -12.85 -3.86 -0.07
CA PRO A 40 -12.82 -4.42 1.30
C PRO A 40 -12.39 -3.42 2.38
N GLY A 41 -11.71 -3.92 3.40
CA GLY A 41 -11.31 -3.10 4.53
C GLY A 41 -10.16 -2.15 4.21
N LEU A 42 -9.42 -1.76 5.24
CA LEU A 42 -8.34 -0.80 5.08
C LEU A 42 -7.04 -1.49 4.72
N VAL A 43 -6.43 -1.06 3.64
CA VAL A 43 -5.11 -1.52 3.27
C VAL A 43 -4.07 -0.59 3.88
N THR A 44 -3.33 -1.10 4.86
CA THR A 44 -2.33 -0.30 5.53
C THR A 44 -0.93 -0.75 5.10
N VAL A 45 -0.26 0.08 4.31
CA VAL A 45 1.09 -0.23 3.88
C VAL A 45 2.10 0.75 4.48
N PRO A 46 2.76 0.36 5.58
CA PRO A 46 3.87 1.09 6.14
C PRO A 46 5.20 0.50 5.70
N HIS A 47 5.79 1.08 4.67
CA HIS A 47 7.06 0.59 4.13
C HIS A 47 7.81 1.71 3.41
N PRO A 48 8.64 2.47 4.12
CA PRO A 48 9.51 3.46 3.50
C PRO A 48 10.81 2.82 2.99
N LYS A 49 10.83 2.49 1.71
CA LYS A 49 11.93 1.73 1.12
C LYS A 49 11.66 1.53 -0.38
N LYS A 50 12.45 0.69 -1.03
CA LYS A 50 12.18 0.31 -2.40
C LYS A 50 11.00 -0.66 -2.46
N ASP A 51 10.71 -1.18 -3.63
CA ASP A 51 9.57 -2.08 -3.81
C ASP A 51 9.63 -3.26 -2.85
N LEU A 52 8.51 -3.53 -2.20
CA LEU A 52 8.38 -4.61 -1.26
C LEU A 52 8.25 -5.95 -2.00
N PRO A 53 8.89 -7.01 -1.50
CA PRO A 53 8.72 -8.36 -2.03
C PRO A 53 7.24 -8.75 -2.12
N ILE A 54 6.87 -9.36 -3.24
CA ILE A 54 5.47 -9.65 -3.54
C ILE A 54 4.86 -10.63 -2.55
N GLY A 55 5.69 -11.42 -1.89
CA GLY A 55 5.21 -12.36 -0.90
C GLY A 55 4.44 -11.68 0.21
N THR A 56 4.97 -10.56 0.68
CA THR A 56 4.32 -9.79 1.74
C THR A 56 3.13 -9.01 1.16
N VAL A 57 3.23 -8.67 -0.11
CA VAL A 57 2.19 -7.90 -0.79
C VAL A 57 0.98 -8.77 -1.10
N LYS A 58 1.19 -10.07 -1.22
CA LYS A 58 0.09 -11.02 -1.45
C LYS A 58 -0.95 -10.95 -0.33
N SER A 59 -0.50 -10.61 0.87
CA SER A 59 -1.42 -10.40 1.98
C SER A 59 -2.28 -9.16 1.72
N ILE A 60 -1.66 -8.17 1.07
CA ILE A 60 -2.37 -6.95 0.69
C ILE A 60 -3.31 -7.26 -0.47
N GLN A 61 -2.82 -8.04 -1.44
CA GLN A 61 -3.57 -8.40 -2.63
C GLN A 61 -4.83 -9.19 -2.31
N LYS A 62 -4.90 -9.69 -1.08
CA LYS A 62 -6.11 -10.31 -0.59
C LYS A 62 -7.27 -9.31 -0.68
N SER A 63 -7.06 -8.13 -0.11
CA SER A 63 -8.06 -7.09 -0.10
C SER A 63 -7.89 -6.17 -1.31
N ALA A 64 -6.64 -5.89 -1.66
CA ALA A 64 -6.32 -4.94 -2.72
C ALA A 64 -6.20 -5.61 -4.06
N GLY A 65 -6.69 -6.83 -4.16
CA GLY A 65 -6.64 -7.55 -5.41
C GLY A 65 -7.98 -8.15 -5.77
N LEU A 66 -8.46 -9.05 -4.90
CA LEU A 66 -9.72 -9.75 -5.11
C LEU A 66 -9.61 -10.66 -6.32
N ASP A 1 17.03 -17.07 2.77
CA ASP A 1 16.73 -17.47 1.38
C ASP A 1 17.60 -16.69 0.39
N ARG A 2 17.23 -15.46 0.08
CA ARG A 2 17.98 -14.65 -0.85
C ARG A 2 18.33 -13.29 -0.27
N THR A 3 19.55 -12.85 -0.51
CA THR A 3 19.99 -11.54 -0.09
C THR A 3 19.49 -10.47 -1.05
N GLY A 4 18.26 -10.03 -0.84
CA GLY A 4 17.67 -9.01 -1.69
C GLY A 4 17.46 -7.71 -0.95
N SER A 5 17.35 -6.63 -1.70
CA SER A 5 17.14 -5.31 -1.11
C SER A 5 16.28 -4.47 -2.04
N GLU A 6 15.35 -5.12 -2.73
CA GLU A 6 14.47 -4.45 -3.68
C GLU A 6 13.30 -3.81 -2.97
N LEU A 7 13.56 -2.66 -2.35
CA LEU A 7 12.51 -1.93 -1.67
C LEU A 7 12.44 -0.51 -2.23
N MET A 8 13.16 0.42 -1.59
CA MET A 8 13.25 1.81 -2.04
C MET A 8 11.85 2.39 -2.28
N ASN A 9 10.96 2.12 -1.33
CA ASN A 9 9.54 2.49 -1.41
C ASN A 9 8.98 2.29 -2.82
N SER A 10 8.79 1.02 -3.18
CA SER A 10 8.29 0.64 -4.50
C SER A 10 6.97 1.34 -4.82
N SER A 11 7.04 2.35 -5.68
CA SER A 11 5.87 3.11 -6.05
C SER A 11 4.90 2.26 -6.86
N LYS A 12 5.42 1.17 -7.43
CA LYS A 12 4.62 0.20 -8.16
C LYS A 12 3.36 -0.16 -7.40
N LEU A 13 3.54 -0.50 -6.12
CA LEU A 13 2.44 -0.96 -5.28
C LEU A 13 1.42 0.14 -5.06
N ILE A 14 1.90 1.36 -4.82
CA ILE A 14 1.03 2.49 -4.57
C ILE A 14 0.29 2.89 -5.84
N ARG A 15 1.01 2.89 -6.96
CA ARG A 15 0.42 3.23 -8.25
C ARG A 15 -0.63 2.21 -8.65
N MET A 16 -0.30 0.93 -8.46
CA MET A 16 -1.23 -0.17 -8.67
C MET A 16 -2.50 0.02 -7.85
N LEU A 17 -2.28 0.35 -6.59
CA LEU A 17 -3.37 0.57 -5.64
C LEU A 17 -4.17 1.82 -6.02
N GLU A 18 -3.45 2.82 -6.51
CA GLU A 18 -4.05 4.09 -6.92
C GLU A 18 -5.04 3.87 -8.06
N GLU A 19 -4.55 3.32 -9.16
CA GLU A 19 -5.35 3.19 -10.39
C GLU A 19 -6.46 2.16 -10.23
N ASP A 20 -6.42 1.38 -9.15
CA ASP A 20 -7.48 0.41 -8.88
C ASP A 20 -8.71 1.14 -8.34
N GLY A 21 -8.49 2.31 -7.75
CA GLY A 21 -9.60 3.13 -7.30
C GLY A 21 -9.58 3.39 -5.80
N TRP A 22 -8.54 2.96 -5.12
CA TRP A 22 -8.46 3.12 -3.67
C TRP A 22 -8.06 4.53 -3.28
N ARG A 23 -8.67 5.03 -2.21
CA ARG A 23 -8.35 6.35 -1.69
C ARG A 23 -7.71 6.22 -0.32
N LEU A 24 -6.85 7.17 0.03
CA LEU A 24 -6.19 7.18 1.31
C LEU A 24 -7.20 7.52 2.40
N VAL A 25 -7.53 6.51 3.21
CA VAL A 25 -8.63 6.63 4.15
C VAL A 25 -8.12 7.07 5.53
N ARG A 26 -6.88 6.72 5.84
CA ARG A 26 -6.26 7.13 7.08
C ARG A 26 -4.82 7.54 6.84
N VAL A 27 -4.52 8.80 7.12
CA VAL A 27 -3.19 9.34 6.88
C VAL A 27 -2.30 9.08 8.08
N THR A 28 -1.17 8.43 7.83
CA THR A 28 -0.22 8.11 8.87
C THR A 28 1.18 8.07 8.27
N GLY A 29 2.11 8.79 8.89
CA GLY A 29 3.46 8.87 8.37
C GLY A 29 4.21 7.56 8.48
N SER A 30 3.74 6.69 9.35
CA SER A 30 4.35 5.38 9.53
C SER A 30 3.86 4.40 8.47
N ALA A 31 2.60 4.55 8.07
CA ALA A 31 2.00 3.68 7.06
C ALA A 31 0.76 4.32 6.48
N HIS A 32 0.64 4.29 5.16
CA HIS A 32 -0.49 4.92 4.50
C HIS A 32 -1.61 3.91 4.30
N HIS A 33 -2.76 4.18 4.91
CA HIS A 33 -3.86 3.24 4.91
C HIS A 33 -4.92 3.63 3.87
N PHE A 34 -5.09 2.77 2.89
CA PHE A 34 -6.07 2.99 1.83
C PHE A 34 -7.30 2.14 2.09
N LYS A 35 -8.46 2.65 1.69
CA LYS A 35 -9.68 1.88 1.82
C LYS A 35 -10.69 2.29 0.76
N HIS A 36 -11.32 1.30 0.16
CA HIS A 36 -12.37 1.52 -0.83
C HIS A 36 -13.69 1.10 -0.19
N PRO A 37 -14.50 2.07 0.30
CA PRO A 37 -15.69 1.80 1.13
C PRO A 37 -16.72 0.86 0.49
N LYS A 38 -16.59 0.59 -0.80
CA LYS A 38 -17.48 -0.33 -1.47
C LYS A 38 -17.07 -1.76 -1.15
N LYS A 39 -15.79 -1.94 -0.87
CA LYS A 39 -15.23 -3.24 -0.53
C LYS A 39 -14.81 -3.28 0.93
N PRO A 40 -15.00 -4.42 1.61
CA PRO A 40 -14.57 -4.59 3.00
C PRO A 40 -13.07 -4.87 3.11
N GLY A 41 -12.26 -3.94 2.63
CA GLY A 41 -10.83 -4.14 2.65
C GLY A 41 -10.07 -2.86 2.94
N LEU A 42 -9.06 -2.97 3.79
CA LEU A 42 -8.18 -1.86 4.08
C LEU A 42 -6.73 -2.24 3.75
N VAL A 43 -6.06 -1.40 2.99
CA VAL A 43 -4.70 -1.64 2.57
C VAL A 43 -3.71 -0.80 3.37
N THR A 44 -2.69 -1.46 3.92
CA THR A 44 -1.64 -0.75 4.64
C THR A 44 -0.37 -0.68 3.79
N VAL A 45 -0.12 0.49 3.22
CA VAL A 45 1.09 0.72 2.44
C VAL A 45 2.23 1.15 3.34
N PRO A 46 3.42 0.54 3.19
CA PRO A 46 4.60 0.92 3.95
C PRO A 46 5.16 2.26 3.47
N HIS A 47 5.75 2.99 4.41
CA HIS A 47 6.25 4.33 4.12
C HIS A 47 7.70 4.26 3.63
N PRO A 48 8.31 5.40 3.23
CA PRO A 48 9.73 5.44 2.80
C PRO A 48 10.69 4.78 3.81
N LYS A 49 11.98 4.83 3.49
CA LYS A 49 12.99 3.94 4.08
C LYS A 49 12.43 2.54 4.38
N LYS A 50 13.11 1.78 5.22
CA LYS A 50 12.69 0.42 5.53
C LYS A 50 11.46 0.41 6.42
N ASP A 51 10.62 -0.61 6.24
CA ASP A 51 9.34 -0.68 6.91
C ASP A 51 8.88 -2.14 6.96
N LEU A 52 7.63 -2.34 7.34
CA LEU A 52 7.00 -3.67 7.36
C LEU A 52 7.44 -4.52 6.17
N PRO A 53 7.83 -5.78 6.44
CA PRO A 53 8.35 -6.72 5.42
C PRO A 53 7.36 -7.05 4.31
N ILE A 54 7.77 -7.95 3.41
CA ILE A 54 6.99 -8.30 2.23
C ILE A 54 5.63 -8.91 2.61
N GLY A 55 5.58 -9.56 3.76
CA GLY A 55 4.35 -10.16 4.24
C GLY A 55 3.19 -9.18 4.28
N THR A 56 3.48 -7.93 4.63
CA THR A 56 2.46 -6.89 4.69
C THR A 56 2.05 -6.47 3.28
N VAL A 57 2.99 -6.54 2.36
CA VAL A 57 2.73 -6.21 0.97
C VAL A 57 1.88 -7.29 0.30
N LYS A 58 2.09 -8.53 0.72
CA LYS A 58 1.26 -9.64 0.24
C LYS A 58 -0.18 -9.43 0.64
N SER A 59 -0.39 -8.83 1.81
CA SER A 59 -1.72 -8.49 2.25
C SER A 59 -2.33 -7.45 1.31
N ILE A 60 -1.49 -6.57 0.77
CA ILE A 60 -1.97 -5.60 -0.21
C ILE A 60 -2.37 -6.32 -1.48
N GLN A 61 -1.52 -7.24 -1.92
CA GLN A 61 -1.78 -8.01 -3.14
C GLN A 61 -3.10 -8.77 -3.03
N LYS A 62 -3.38 -9.24 -1.83
CA LYS A 62 -4.64 -9.94 -1.57
C LYS A 62 -5.82 -8.96 -1.45
N SER A 63 -5.69 -7.95 -0.61
CA SER A 63 -6.79 -7.04 -0.33
C SER A 63 -7.07 -6.08 -1.48
N ALA A 64 -6.01 -5.60 -2.13
CA ALA A 64 -6.16 -4.64 -3.22
C ALA A 64 -6.32 -5.34 -4.56
N GLY A 65 -5.75 -6.53 -4.67
CA GLY A 65 -5.83 -7.28 -5.91
C GLY A 65 -7.08 -8.14 -5.98
N LEU A 66 -7.40 -8.78 -4.86
CA LEU A 66 -8.58 -9.65 -4.75
C LEU A 66 -8.52 -10.79 -5.77
#